data_6N1T
#
_entry.id   6N1T
#
_cell.length_a   53.209
_cell.length_b   144.343
_cell.length_c   174.189
_cell.angle_alpha   90.000
_cell.angle_beta   90.000
_cell.angle_gamma   90.000
#
_symmetry.space_group_name_H-M   'P 21 21 21'
#
loop_
_entity.id
_entity.type
_entity.pdbx_description
1 polymer 'Bifunctional dihydrofolate reductase-thymidylate synthase'
2 non-polymer "2'-DEOXYURIDINE 5'-MONOPHOSPHATE"
3 non-polymer 'NADPH DIHYDRO-NICOTINAMIDE-ADENINE-DINUCLEOTIDE PHOSPHATE'
4 non-polymer '10-PROPARGYL-5,8-DIDEAZAFOLIC ACID'
5 non-polymer 5-{4-[3-(2-methoxypyrimidin-5-yl)phenyl]piperazin-1-yl}pyrimidine-2,4-diamine
#
_entity_poly.entity_id   1
_entity_poly.type   'polypeptide(L)'
_entity_poly.pdbx_seq_one_letter_code
;MQKPVCLVVAMTPKRGIGINNGLPWPHLTTDFKHFSRVTKTTPEEASRFNAVVMGRKTWESMPRKFRPLVDRLNIVVSSS
LKEEDIAAEKPQAEGQQRVRVCASLPAALSLLEEEYKDSVDQIFVVGGAGLYEAALSLGVASHLYITRVAREFPCDVFFP
AFPGDDILSNKSTAAEKDNEATYRPIFISKTFSDNGVPYDFVVLEKRRKTDDAATAEPSNAMSSLTSTRETTPVHGLQAP
SSAAAIAPVLAWMDEEDRKKREQKELIRAVPHVHFRGHEEFQYLDLIADIINNGRTMDDRTGVGVISKFGCTMRYSLDQA
FPLLTTKRVFWKGVLEELLWFIRGDTNANHLSEKGVKIWDKNVTREFLDSRNLPHREVGDIGPGYGFQWRHFGAAYKDMH
TDYTGQGVDQLKNVIQMLRTNPTDRRMLMTAWNPAALDEMALPPCHLLCQFYVNDQKELSCIMYQRSCDVGLGVPFNIAS
YSLLTLMVAHVCNLKPKEFIHFMGNTHVYTNHVEALKEQLRREPRPFPIVNILNKERIKEIDDFTAEDFEVVGYVPHGRI
QMEMAV
;
_entity_poly.pdbx_strand_id   A,B
#
# COMPACT_ATOMS: atom_id res chain seq x y z
N LYS A 3 -34.61 -22.20 12.09
CA LYS A 3 -34.24 -22.76 13.43
C LYS A 3 -33.11 -21.98 14.13
N PRO A 4 -32.06 -21.60 13.39
CA PRO A 4 -31.04 -20.76 14.04
C PRO A 4 -31.51 -19.31 14.20
N VAL A 5 -31.00 -18.64 15.23
CA VAL A 5 -31.35 -17.26 15.52
C VAL A 5 -30.10 -16.39 15.57
N CYS A 6 -30.26 -15.10 15.29
CA CYS A 6 -29.18 -14.14 15.44
C CYS A 6 -29.51 -13.13 16.53
N LEU A 7 -28.48 -12.71 17.27
CA LEU A 7 -28.63 -11.73 18.33
C LEU A 7 -28.01 -10.40 17.91
N VAL A 8 -28.74 -9.32 18.11
CA VAL A 8 -28.24 -8.01 17.73
C VAL A 8 -28.33 -7.02 18.88
N VAL A 9 -27.16 -6.67 19.41
CA VAL A 9 -27.04 -5.88 20.63
C VAL A 9 -25.99 -4.79 20.46
N ALA A 10 -26.16 -3.73 21.23
CA ALA A 10 -25.12 -2.75 21.47
C ALA A 10 -24.65 -2.93 22.91
N MET A 11 -23.39 -2.64 23.18
CA MET A 11 -22.78 -3.08 24.43
C MET A 11 -21.65 -2.21 24.98
N THR A 12 -21.78 -1.88 26.27
CA THR A 12 -20.73 -1.23 27.05
C THR A 12 -19.61 -2.25 27.34
N PRO A 13 -18.35 -1.80 27.51
CA PRO A 13 -17.26 -2.75 27.82
C PRO A 13 -17.54 -3.66 29.01
N LYS A 14 -18.24 -3.15 30.02
CA LYS A 14 -18.68 -3.95 31.15
C LYS A 14 -20.00 -4.68 30.85
N ARG A 15 -20.22 -4.99 29.58
CA ARG A 15 -21.41 -5.70 29.08
C ARG A 15 -22.76 -5.01 29.29
N GLY A 16 -22.73 -3.73 29.64
CA GLY A 16 -23.93 -2.96 29.96
C GLY A 16 -24.78 -2.62 28.75
N ILE A 17 -26.09 -2.83 28.85
CA ILE A 17 -27.00 -2.57 27.73
C ILE A 17 -28.07 -1.51 28.00
N GLY A 18 -28.40 -1.28 29.28
CA GLY A 18 -29.47 -0.35 29.62
C GLY A 18 -29.44 0.28 30.99
N ILE A 19 -30.16 1.39 31.12
CA ILE A 19 -30.37 2.09 32.39
C ILE A 19 -31.68 2.88 32.34
N ASN A 20 -32.43 2.84 33.44
CA ASN A 20 -33.71 3.56 33.58
C ASN A 20 -34.72 3.23 32.47
N ASN A 21 -34.77 1.96 32.09
CA ASN A 21 -35.55 1.49 30.96
C ASN A 21 -35.33 2.31 29.68
N GLY A 22 -34.05 2.51 29.35
CA GLY A 22 -33.65 3.25 28.17
C GLY A 22 -32.18 2.97 27.85
N LEU A 23 -31.69 3.55 26.76
CA LEU A 23 -30.30 3.39 26.36
C LEU A 23 -29.37 4.23 27.24
N PRO A 24 -28.18 3.69 27.57
CA PRO A 24 -27.26 4.38 28.49
C PRO A 24 -26.52 5.55 27.86
N TRP A 25 -26.27 5.47 26.56
CA TRP A 25 -25.47 6.45 25.84
C TRP A 25 -26.34 7.47 25.10
N PRO A 26 -25.75 8.62 24.72
CA PRO A 26 -26.44 9.56 23.83
C PRO A 26 -26.77 8.89 22.49
N HIS A 27 -27.55 9.58 21.65
CA HIS A 27 -28.02 9.00 20.40
C HIS A 27 -26.88 8.64 19.44
N LEU A 28 -26.78 7.36 19.10
CA LEU A 28 -25.78 6.88 18.13
C LEU A 28 -26.48 6.58 16.80
N THR A 29 -26.35 7.51 15.85
CA THR A 29 -27.07 7.42 14.57
C THR A 29 -26.62 6.25 13.71
N THR A 30 -25.31 6.06 13.62
CA THR A 30 -24.70 5.02 12.79
C THR A 30 -25.08 3.63 13.30
N ASP A 31 -25.24 3.51 14.61
CA ASP A 31 -25.68 2.28 15.24
C ASP A 31 -27.13 1.97 14.86
N PHE A 32 -28.01 2.96 15.04
CA PHE A 32 -29.42 2.81 14.75
C PHE A 32 -29.63 2.54 13.26
N LYS A 33 -28.68 3.04 12.45
CA LYS A 33 -28.68 2.77 11.01
C LYS A 33 -28.36 1.30 10.79
N HIS A 34 -27.23 0.85 11.33
CA HIS A 34 -26.81 -0.55 11.28
C HIS A 34 -27.97 -1.46 11.67
N PHE A 35 -28.51 -1.23 12.87
CA PHE A 35 -29.60 -2.03 13.41
C PHE A 35 -30.79 -2.10 12.48
N SER A 36 -31.17 -0.96 11.90
CA SER A 36 -32.32 -0.89 11.01
C SER A 36 -32.12 -1.77 9.78
N ARG A 37 -30.93 -1.66 9.18
CA ARG A 37 -30.61 -2.36 7.95
C ARG A 37 -30.46 -3.87 8.16
N VAL A 38 -29.78 -4.26 9.23
CA VAL A 38 -29.53 -5.67 9.55
C VAL A 38 -30.83 -6.44 9.84
N THR A 39 -31.76 -5.77 10.51
CA THR A 39 -33.04 -6.38 10.86
C THR A 39 -34.00 -6.45 9.66
N LYS A 40 -33.82 -5.54 8.70
CA LYS A 40 -34.77 -5.41 7.59
C LYS A 40 -34.39 -6.12 6.28
N THR A 41 -33.15 -5.97 5.84
CA THR A 41 -32.72 -6.45 4.52
C THR A 41 -32.90 -7.96 4.32
N THR A 42 -33.58 -8.31 3.24
CA THR A 42 -34.00 -9.68 2.94
C THR A 42 -33.76 -9.97 1.45
N PRO A 43 -33.21 -11.16 1.13
CA PRO A 43 -33.03 -11.55 -0.28
C PRO A 43 -34.33 -11.62 -1.08
N ALA A 46 -37.81 -11.88 -1.98
CA ALA A 46 -38.92 -12.00 -2.92
C ALA A 46 -40.26 -11.98 -2.19
N SER A 47 -40.88 -13.16 -2.03
CA SER A 47 -42.08 -13.30 -1.22
C SER A 47 -41.80 -13.18 0.29
N ARG A 48 -40.49 -13.11 0.69
CA ARG A 48 -40.02 -13.16 2.15
C ARG A 48 -39.75 -11.78 2.97
N PHE A 49 -39.96 -11.91 4.52
CA PHE A 49 -39.56 -10.81 5.65
C PHE A 49 -38.85 -11.28 7.01
N ASN A 50 -38.19 -10.39 7.80
CA ASN A 50 -37.51 -10.79 9.09
C ASN A 50 -38.33 -10.63 10.37
N ALA A 51 -38.14 -11.54 11.33
CA ALA A 51 -38.79 -11.46 12.63
C ALA A 51 -37.86 -10.84 13.67
N VAL A 52 -38.37 -9.85 14.39
CA VAL A 52 -37.68 -9.31 15.56
C VAL A 52 -38.39 -9.76 16.83
N VAL A 53 -37.61 -10.18 17.80
CA VAL A 53 -38.14 -10.68 19.07
C VAL A 53 -37.52 -9.90 20.22
N MET A 54 -38.38 -9.43 21.12
CA MET A 54 -37.95 -8.61 22.24
C MET A 54 -38.70 -8.91 23.53
N GLY A 55 -38.16 -8.43 24.63
CA GLY A 55 -38.83 -8.49 25.92
C GLY A 55 -39.81 -7.33 26.06
N ARG A 56 -40.60 -7.38 27.12
CA ARG A 56 -41.65 -6.40 27.37
C ARG A 56 -41.06 -4.99 27.62
N LYS A 57 -39.95 -4.93 28.35
CA LYS A 57 -39.31 -3.66 28.70
C LYS A 57 -38.58 -3.01 27.53
N THR A 58 -38.04 -3.84 26.63
CA THR A 58 -37.44 -3.37 25.38
C THR A 58 -38.51 -2.68 24.53
N TRP A 59 -39.68 -3.31 24.44
CA TRP A 59 -40.84 -2.74 23.75
C TRP A 59 -41.27 -1.41 24.37
N GLU A 60 -41.16 -1.30 25.70
CA GLU A 60 -41.56 -0.10 26.43
C GLU A 60 -40.54 1.03 26.34
N SER A 61 -39.26 0.68 26.39
CA SER A 61 -38.17 1.66 26.30
C SER A 61 -38.16 2.39 24.96
N MET A 62 -38.75 1.75 23.96
CA MET A 62 -38.75 2.21 22.58
C MET A 62 -39.75 3.34 22.36
N PRO A 63 -39.34 4.43 21.68
CA PRO A 63 -40.23 5.55 21.35
C PRO A 63 -41.46 5.11 20.55
N ARG A 64 -42.57 5.81 20.75
CA ARG A 64 -43.87 5.40 20.22
C ARG A 64 -43.97 5.37 18.69
N LYS A 65 -43.26 6.28 18.02
CA LYS A 65 -43.28 6.36 16.56
C LYS A 65 -42.51 5.21 15.88
N PHE A 66 -41.63 4.57 16.63
CA PHE A 66 -40.82 3.47 16.12
C PHE A 66 -41.38 2.08 16.40
N ARG A 67 -42.30 1.97 17.35
CA ARG A 67 -42.93 0.68 17.66
C ARG A 67 -44.37 0.61 17.11
N PRO A 68 -44.72 -0.52 16.44
CA PRO A 68 -43.83 -1.64 16.13
C PRO A 68 -42.82 -1.28 15.04
N LEU A 69 -41.69 -2.01 15.02
CA LEU A 69 -40.65 -1.81 14.02
C LEU A 69 -41.17 -2.16 12.64
N VAL A 70 -41.09 -1.20 11.73
CA VAL A 70 -41.67 -1.33 10.39
C VAL A 70 -40.99 -2.41 9.55
N ASP A 71 -41.80 -3.09 8.74
CA ASP A 71 -41.34 -4.13 7.81
C ASP A 71 -40.77 -5.38 8.47
N ARG A 72 -40.87 -5.46 9.79
CA ARG A 72 -40.39 -6.61 10.55
C ARG A 72 -41.51 -7.16 11.42
N LEU A 73 -41.64 -8.48 11.48
CA LEU A 73 -42.58 -9.10 12.41
C LEU A 73 -42.08 -8.94 13.84
N ASN A 74 -42.81 -8.18 14.64
CA ASN A 74 -42.45 -7.96 16.03
C ASN A 74 -43.06 -9.03 16.93
N ILE A 75 -42.25 -9.60 17.81
CA ILE A 75 -42.75 -10.53 18.83
C ILE A 75 -42.26 -10.10 20.21
N VAL A 76 -43.20 -9.88 21.12
CA VAL A 76 -42.87 -9.48 22.47
C VAL A 76 -43.09 -10.63 23.44
N VAL A 77 -42.07 -10.93 24.22
CA VAL A 77 -42.17 -11.95 25.26
C VAL A 77 -42.59 -11.26 26.55
N SER A 78 -43.74 -11.69 27.06
CA SER A 78 -44.35 -11.12 28.26
C SER A 78 -45.46 -12.03 28.78
N SER A 79 -45.83 -11.85 30.05
CA SER A 79 -46.95 -12.57 30.64
C SER A 79 -47.98 -11.60 31.22
N SER A 80 -47.57 -10.35 31.39
CA SER A 80 -48.48 -9.27 31.80
C SER A 80 -49.14 -8.65 30.56
N LEU A 81 -48.35 -8.41 29.53
CA LEU A 81 -48.85 -7.93 28.24
C LEU A 81 -49.55 -9.04 27.47
N LYS A 82 -50.68 -8.70 26.88
CA LYS A 82 -51.42 -9.61 26.02
C LYS A 82 -51.35 -9.07 24.59
N GLU A 83 -51.91 -9.81 23.64
CA GLU A 83 -51.86 -9.41 22.23
C GLU A 83 -52.73 -8.19 21.93
N GLU A 84 -53.77 -7.98 22.73
CA GLU A 84 -54.64 -6.81 22.57
C GLU A 84 -54.22 -5.60 23.40
N ASP A 85 -53.20 -5.77 24.23
CA ASP A 85 -52.57 -4.65 24.92
C ASP A 85 -51.78 -3.79 23.91
N ILE A 86 -51.24 -4.46 22.89
CA ILE A 86 -50.40 -3.81 21.89
C ILE A 86 -51.21 -3.24 20.71
N ALA A 87 -52.27 -3.94 20.31
CA ALA A 87 -53.14 -3.52 19.20
C ALA A 87 -53.86 -2.20 19.49
N ALA A 88 -54.26 -2.02 20.74
CA ALA A 88 -54.93 -0.80 21.20
C ALA A 88 -53.94 0.35 21.39
N GLU A 89 -52.66 0.02 21.51
CA GLU A 89 -51.59 0.98 21.74
C GLU A 89 -51.37 1.90 20.53
N LYS A 90 -51.49 1.35 19.33
CA LYS A 90 -51.36 2.10 18.07
C LYS A 90 -52.15 1.39 16.97
N PRO A 91 -52.91 2.16 16.17
CA PRO A 91 -53.61 1.58 15.02
C PRO A 91 -52.61 0.93 14.06
N GLN A 92 -52.90 -0.30 13.66
CA GLN A 92 -52.03 -1.03 12.75
C GLN A 92 -52.18 -0.50 11.33
N ALA A 93 -51.05 -0.21 10.69
CA ALA A 93 -51.03 0.21 9.30
C ALA A 93 -51.37 -0.97 8.38
N GLU A 94 -51.97 -0.65 7.24
CA GLU A 94 -52.30 -1.65 6.22
C GLU A 94 -51.03 -2.21 5.58
N GLY A 95 -50.95 -3.53 5.48
CA GLY A 95 -49.80 -4.20 4.89
C GLY A 95 -48.83 -4.79 5.88
N GLN A 96 -48.61 -4.10 7.00
CA GLN A 96 -47.68 -4.52 8.05
C GLN A 96 -48.11 -5.82 8.74
N GLN A 97 -47.24 -6.36 9.59
CA GLN A 97 -47.55 -7.58 10.33
C GLN A 97 -47.88 -7.26 11.78
N ARG A 98 -48.84 -7.99 12.34
CA ARG A 98 -49.27 -7.79 13.72
C ARG A 98 -48.22 -8.29 14.72
N VAL A 99 -48.16 -7.63 15.87
CA VAL A 99 -47.25 -8.02 16.94
C VAL A 99 -47.84 -9.21 17.69
N ARG A 100 -47.01 -10.23 17.93
CA ARG A 100 -47.43 -11.42 18.64
C ARG A 100 -46.83 -11.46 20.04
N VAL A 101 -47.59 -12.00 20.98
CA VAL A 101 -47.12 -12.08 22.38
C VAL A 101 -47.05 -13.53 22.88
N CYS A 102 -45.84 -13.93 23.27
CA CYS A 102 -45.58 -15.26 23.79
C CYS A 102 -45.05 -15.14 25.21
N ALA A 103 -45.25 -16.17 26.03
CA ALA A 103 -44.89 -16.11 27.45
C ALA A 103 -43.42 -16.49 27.72
N SER A 104 -42.77 -17.07 26.71
CA SER A 104 -41.34 -17.39 26.78
C SER A 104 -40.75 -17.52 25.38
N LEU A 105 -39.42 -17.49 25.29
CA LEU A 105 -38.72 -17.60 24.01
C LEU A 105 -38.90 -18.94 23.29
N PRO A 106 -38.91 -20.08 24.03
CA PRO A 106 -39.23 -21.34 23.35
C PRO A 106 -40.60 -21.30 22.65
N ALA A 107 -41.58 -20.67 23.29
CA ALA A 107 -42.90 -20.45 22.69
C ALA A 107 -42.81 -19.53 21.47
N ALA A 108 -41.88 -18.57 21.51
CA ALA A 108 -41.65 -17.65 20.42
C ALA A 108 -41.12 -18.36 19.17
N LEU A 109 -40.14 -19.23 19.38
CA LEU A 109 -39.53 -19.99 18.29
C LEU A 109 -40.51 -21.03 17.75
N SER A 110 -41.34 -21.58 18.64
CA SER A 110 -42.38 -22.54 18.29
C SER A 110 -43.43 -21.91 17.39
N LEU A 111 -43.87 -20.71 17.76
CA LEU A 111 -44.84 -19.95 16.99
C LEU A 111 -44.31 -19.65 15.58
N LEU A 112 -43.01 -19.38 15.50
CA LEU A 112 -42.34 -19.09 14.24
C LEU A 112 -42.37 -20.27 13.27
N GLU A 113 -42.19 -21.49 13.79
CA GLU A 113 -42.26 -22.69 12.98
C GLU A 113 -43.72 -23.12 12.73
N GLU A 114 -44.54 -23.00 13.76
CA GLU A 114 -45.95 -23.41 13.71
C GLU A 114 -46.80 -22.65 12.70
N GLU A 115 -46.59 -21.33 12.62
CA GLU A 115 -47.45 -20.47 11.81
C GLU A 115 -46.68 -19.66 10.78
N TYR A 116 -45.42 -19.34 11.09
CA TYR A 116 -44.68 -18.36 10.31
C TYR A 116 -43.56 -18.90 9.41
N LYS A 117 -43.56 -20.21 9.15
CA LYS A 117 -42.66 -20.75 8.14
C LYS A 117 -43.16 -20.42 6.75
N ASP A 118 -42.25 -20.35 5.79
CA ASP A 118 -42.55 -19.91 4.44
C ASP A 118 -42.88 -18.42 4.44
N SER A 119 -42.75 -17.81 5.62
CA SER A 119 -43.16 -16.44 5.82
C SER A 119 -41.97 -15.59 6.27
N VAL A 120 -41.24 -16.07 7.28
CA VAL A 120 -40.17 -15.28 7.88
C VAL A 120 -38.79 -15.78 7.50
N ASP A 121 -37.97 -14.85 7.02
CA ASP A 121 -36.64 -15.17 6.54
C ASP A 121 -35.63 -15.41 7.65
N GLN A 122 -35.57 -14.48 8.60
CA GLN A 122 -34.50 -14.52 9.58
C GLN A 122 -35.02 -14.03 10.91
N ILE A 123 -34.53 -14.64 11.98
CA ILE A 123 -35.04 -14.39 13.31
C ILE A 123 -34.00 -13.63 14.13
N PHE A 124 -34.41 -12.51 14.72
CA PHE A 124 -33.50 -11.68 15.48
C PHE A 124 -33.99 -11.40 16.88
N VAL A 125 -33.28 -11.91 17.89
CA VAL A 125 -33.50 -11.52 19.26
C VAL A 125 -32.90 -10.13 19.44
N VAL A 126 -33.73 -9.21 19.95
CA VAL A 126 -33.40 -7.79 19.93
C VAL A 126 -33.21 -7.20 21.33
N GLY A 127 -33.62 -7.95 22.35
CA GLY A 127 -33.46 -7.52 23.75
C GLY A 127 -34.58 -8.02 24.64
N GLY A 128 -34.44 -7.90 25.96
CA GLY A 128 -33.23 -7.39 26.59
C GLY A 128 -32.48 -8.53 27.29
N ALA A 129 -31.84 -8.21 28.41
CA ALA A 129 -31.01 -9.17 29.16
C ALA A 129 -31.67 -10.55 29.29
N GLY A 130 -32.96 -10.55 29.63
CA GLY A 130 -33.72 -11.78 29.81
C GLY A 130 -33.71 -12.68 28.59
N LEU A 131 -34.10 -12.12 27.44
CA LEU A 131 -34.13 -12.88 26.19
C LEU A 131 -32.75 -13.24 25.67
N TYR A 132 -31.75 -12.40 25.94
CA TYR A 132 -30.36 -12.70 25.59
C TYR A 132 -29.81 -13.83 26.44
N GLU A 133 -30.23 -13.86 27.72
CA GLU A 133 -29.87 -14.93 28.64
C GLU A 133 -30.54 -16.23 28.21
N ALA A 134 -31.81 -16.12 27.80
CA ALA A 134 -32.59 -17.27 27.35
C ALA A 134 -32.03 -17.91 26.07
N ALA A 135 -31.69 -17.06 25.09
CA ALA A 135 -31.22 -17.51 23.78
C ALA A 135 -29.84 -18.17 23.84
N LEU A 136 -28.99 -17.67 24.72
CA LEU A 136 -27.66 -18.25 24.94
C LEU A 136 -27.73 -19.60 25.64
N SER A 137 -28.72 -19.76 26.51
CA SER A 137 -28.93 -21.00 27.24
C SER A 137 -29.41 -22.13 26.33
N LEU A 138 -30.32 -21.81 25.41
CA LEU A 138 -30.88 -22.79 24.47
C LEU A 138 -29.86 -23.25 23.42
N GLY A 139 -28.90 -22.38 23.12
CA GLY A 139 -27.88 -22.67 22.11
C GLY A 139 -28.40 -22.54 20.69
N VAL A 140 -29.41 -21.69 20.50
CA VAL A 140 -30.01 -21.46 19.20
C VAL A 140 -29.35 -20.29 18.46
N ALA A 141 -28.41 -19.63 19.12
CA ALA A 141 -27.76 -18.42 18.61
C ALA A 141 -26.57 -18.72 17.69
N SER A 142 -26.77 -18.47 16.39
CA SER A 142 -25.73 -18.73 15.40
C SER A 142 -24.76 -17.56 15.28
N HIS A 143 -25.29 -16.34 15.40
CA HIS A 143 -24.51 -15.13 15.18
C HIS A 143 -24.86 -13.99 16.13
N LEU A 144 -23.83 -13.34 16.65
CA LEU A 144 -24.02 -12.20 17.53
C LEU A 144 -23.55 -10.92 16.86
N TYR A 145 -24.50 -10.05 16.55
CA TYR A 145 -24.22 -8.73 16.02
C TYR A 145 -24.05 -7.75 17.18
N ILE A 146 -22.81 -7.60 17.62
CA ILE A 146 -22.51 -6.71 18.74
C ILE A 146 -21.95 -5.38 18.26
N THR A 147 -22.59 -4.31 18.71
CA THR A 147 -22.06 -2.97 18.54
C THR A 147 -21.33 -2.63 19.82
N ARG A 148 -20.00 -2.76 19.80
CA ARG A 148 -19.19 -2.49 20.97
C ARG A 148 -19.11 -0.99 21.18
N VAL A 149 -19.87 -0.49 22.15
CA VAL A 149 -19.70 0.89 22.60
C VAL A 149 -18.45 0.88 23.49
N ALA A 150 -17.48 1.70 23.13
CA ALA A 150 -16.18 1.66 23.80
C ALA A 150 -16.15 2.39 25.13
N ARG A 151 -17.10 3.31 25.32
CA ARG A 151 -17.16 4.13 26.52
C ARG A 151 -17.98 3.51 27.63
N GLU A 152 -17.49 3.65 28.85
CA GLU A 152 -18.14 3.09 30.03
C GLU A 152 -19.22 4.04 30.57
N PHE A 153 -20.46 3.54 30.59
CA PHE A 153 -21.61 4.35 30.99
C PHE A 153 -22.35 3.78 32.20
N PRO A 154 -23.13 4.62 32.92
CA PRO A 154 -24.05 4.11 33.93
C PRO A 154 -25.06 3.13 33.33
N CYS A 155 -25.12 1.93 33.88
CA CYS A 155 -26.00 0.86 33.40
C CYS A 155 -26.58 0.04 34.55
N ASP A 156 -27.87 -0.27 34.47
CA ASP A 156 -28.49 -1.17 35.45
C ASP A 156 -28.92 -2.53 34.85
N VAL A 157 -28.92 -2.63 33.53
CA VAL A 157 -29.24 -3.87 32.82
C VAL A 157 -28.05 -4.27 31.94
N PHE A 158 -27.66 -5.54 31.98
CA PHE A 158 -26.43 -6.03 31.33
C PHE A 158 -26.64 -7.23 30.40
N PHE A 159 -25.84 -7.29 29.33
CA PHE A 159 -25.81 -8.48 28.46
C PHE A 159 -25.12 -9.61 29.21
N PRO A 160 -25.68 -10.83 29.14
CA PRO A 160 -25.13 -11.97 29.91
C PRO A 160 -23.71 -12.36 29.51
N ALA A 161 -22.95 -12.89 30.47
CA ALA A 161 -21.59 -13.38 30.23
C ALA A 161 -21.59 -14.59 29.29
N PHE A 162 -20.67 -14.60 28.33
CA PHE A 162 -20.60 -15.68 27.35
C PHE A 162 -19.15 -15.97 26.94
N PRO A 163 -18.84 -17.25 26.63
CA PRO A 163 -17.52 -17.59 26.08
C PRO A 163 -17.25 -16.83 24.77
N GLY A 164 -16.24 -15.97 24.80
CA GLY A 164 -15.92 -15.11 23.66
C GLY A 164 -16.15 -13.64 23.96
N ASP A 165 -16.41 -13.32 25.23
CA ASP A 165 -16.57 -11.93 25.67
C ASP A 165 -15.23 -11.28 26.01
N ASP A 166 -14.16 -11.85 25.46
CA ASP A 166 -12.82 -11.26 25.52
C ASP A 166 -12.66 -10.19 24.44
N ILE A 167 -13.63 -10.11 23.53
CA ILE A 167 -13.67 -9.03 22.54
C ILE A 167 -14.20 -7.72 23.14
N LEU A 168 -14.78 -7.81 24.33
CA LEU A 168 -15.34 -6.64 24.99
C LEU A 168 -14.32 -5.97 25.92
N SER A 169 -13.78 -6.75 26.85
CA SER A 169 -12.74 -6.27 27.77
C SER A 169 -11.89 -7.42 28.28
N ASN A 170 -11.00 -7.13 29.23
CA ASN A 170 -10.05 -8.12 29.74
C ASN A 170 -10.66 -9.16 30.68
N LYS A 171 -10.03 -10.33 30.70
CA LYS A 171 -10.43 -11.45 31.56
C LYS A 171 -9.28 -11.89 32.45
N ALA A 181 -18.52 -24.88 22.66
CA ALA A 181 -19.54 -23.91 22.29
C ALA A 181 -19.06 -22.49 22.54
N THR A 182 -18.23 -21.98 21.63
CA THR A 182 -17.59 -20.67 21.81
C THR A 182 -17.89 -19.67 20.68
N TYR A 183 -17.95 -18.39 21.04
CA TYR A 183 -18.29 -17.30 20.12
C TYR A 183 -17.09 -16.49 19.66
N ARG A 184 -16.62 -16.76 18.45
CA ARG A 184 -15.44 -16.09 17.90
C ARG A 184 -15.79 -15.08 16.80
N PRO A 185 -15.07 -13.94 16.75
CA PRO A 185 -15.30 -12.90 15.74
C PRO A 185 -15.00 -13.34 14.31
N ILE A 186 -15.95 -13.06 13.41
CA ILE A 186 -15.78 -13.30 11.99
C ILE A 186 -15.78 -11.96 11.23
N PHE A 187 -15.86 -10.87 11.99
CA PHE A 187 -16.03 -9.52 11.45
C PHE A 187 -15.70 -8.48 12.51
N ILE A 188 -14.85 -7.52 12.17
CA ILE A 188 -14.57 -6.36 13.02
C ILE A 188 -14.39 -5.12 12.15
N SER A 189 -15.28 -4.14 12.30
CA SER A 189 -15.22 -2.91 11.51
C SER A 189 -14.31 -1.85 12.15
N LYS A 190 -14.07 -0.77 11.41
CA LYS A 190 -13.32 0.36 11.93
C LYS A 190 -14.15 1.08 12.99
N THR A 191 -13.49 1.90 13.81
CA THR A 191 -14.16 2.62 14.87
C THR A 191 -14.95 3.82 14.33
N PHE A 192 -16.23 3.86 14.65
CA PHE A 192 -17.11 4.99 14.36
C PHE A 192 -17.25 5.84 15.62
N SER A 193 -17.93 6.98 15.51
CA SER A 193 -18.25 7.80 16.70
C SER A 193 -19.43 8.76 16.51
N ASP A 194 -20.31 8.77 17.51
CA ASP A 194 -21.42 9.72 17.59
C ASP A 194 -21.49 10.31 18.99
N ASN A 195 -21.56 11.64 19.07
CA ASN A 195 -21.68 12.39 20.33
C ASN A 195 -20.58 12.10 21.35
N GLY A 196 -19.34 12.12 20.87
CA GLY A 196 -18.16 11.89 21.71
C GLY A 196 -18.03 10.46 22.20
N VAL A 197 -18.72 9.55 21.51
CA VAL A 197 -18.72 8.13 21.89
C VAL A 197 -18.15 7.26 20.76
N PRO A 198 -17.01 6.61 21.01
CA PRO A 198 -16.48 5.67 20.03
C PRO A 198 -17.14 4.29 20.12
N TYR A 199 -17.29 3.64 18.96
CA TYR A 199 -17.84 2.29 18.87
C TYR A 199 -17.57 1.62 17.53
N ASP A 200 -17.65 0.29 17.50
CA ASP A 200 -17.49 -0.46 16.27
C ASP A 200 -18.39 -1.69 16.23
N PHE A 201 -18.51 -2.30 15.05
CA PHE A 201 -19.41 -3.43 14.85
C PHE A 201 -18.61 -4.70 14.71
N VAL A 202 -18.97 -5.70 15.52
CA VAL A 202 -18.45 -7.04 15.37
C VAL A 202 -19.57 -8.03 15.13
N VAL A 203 -19.29 -9.02 14.29
CA VAL A 203 -20.17 -10.18 14.13
C VAL A 203 -19.42 -11.37 14.72
N LEU A 204 -20.12 -12.13 15.56
CA LEU A 204 -19.53 -13.32 16.18
C LEU A 204 -20.20 -14.57 15.62
N GLU A 205 -19.46 -15.68 15.64
CA GLU A 205 -19.94 -16.95 15.12
C GLU A 205 -19.77 -18.03 16.18
N LYS A 206 -20.79 -18.88 16.36
CA LYS A 206 -20.68 -20.03 17.26
C LYS A 206 -19.88 -21.13 16.57
N ARG A 207 -18.90 -21.70 17.28
CA ARG A 207 -17.98 -22.66 16.66
C ARG A 207 -17.80 -23.99 17.39
N ARG A 208 -17.63 -23.94 18.71
CA ARG A 208 -17.32 -25.12 19.52
C ARG A 208 -15.97 -25.72 19.16
N SER A 241 -13.03 -21.49 -20.51
CA SER A 241 -11.92 -20.74 -21.07
C SER A 241 -12.24 -19.26 -21.28
N SER A 242 -13.33 -18.80 -20.66
CA SER A 242 -13.73 -17.38 -20.70
C SER A 242 -12.78 -16.55 -19.85
N ALA A 243 -12.54 -17.01 -18.63
CA ALA A 243 -11.53 -16.45 -17.73
C ALA A 243 -10.59 -17.56 -17.28
N ALA A 244 -10.92 -18.79 -17.66
CA ALA A 244 -10.12 -19.97 -17.33
C ALA A 244 -8.90 -20.11 -18.25
N ALA A 245 -8.90 -19.36 -19.36
CA ALA A 245 -7.77 -19.31 -20.28
C ALA A 245 -6.67 -18.39 -19.74
N ILE A 246 -7.03 -17.52 -18.80
CA ILE A 246 -6.09 -16.62 -18.13
C ILE A 246 -5.35 -17.37 -17.01
N ALA A 247 -6.02 -18.36 -16.43
CA ALA A 247 -5.55 -19.07 -15.23
C ALA A 247 -4.31 -19.99 -15.35
N PRO A 248 -4.00 -20.52 -16.56
CA PRO A 248 -2.79 -21.36 -16.71
C PRO A 248 -1.46 -20.63 -16.52
N VAL A 249 -1.40 -19.34 -16.84
CA VAL A 249 -0.20 -18.53 -16.63
C VAL A 249 -0.11 -18.08 -15.17
N LEU A 250 -1.25 -18.06 -14.50
CA LEU A 250 -1.33 -17.78 -13.06
C LEU A 250 -0.85 -18.96 -12.21
N ALA A 251 -0.75 -20.14 -12.82
CA ALA A 251 -0.36 -21.37 -12.12
C ALA A 251 1.09 -21.35 -11.61
N TRP A 252 2.04 -21.10 -12.51
CA TRP A 252 3.46 -21.11 -12.16
C TRP A 252 3.92 -19.87 -11.39
N MET A 253 3.25 -18.75 -11.64
CA MET A 253 3.55 -17.50 -10.96
C MET A 253 3.04 -17.50 -9.52
N ASP A 254 2.02 -18.31 -9.26
CA ASP A 254 1.40 -18.42 -7.93
C ASP A 254 2.23 -19.26 -6.98
N GLU A 255 2.15 -18.93 -5.69
CA GLU A 255 2.87 -19.65 -4.64
C GLU A 255 1.92 -20.01 -3.51
N LEU A 266 2.70 -18.04 6.68
CA LEU A 266 2.73 -19.07 7.71
C LEU A 266 2.07 -18.58 9.00
N ILE A 267 2.39 -17.36 9.40
CA ILE A 267 1.81 -16.75 10.59
C ILE A 267 0.77 -15.71 10.17
N ARG A 268 -0.47 -15.92 10.62
CA ARG A 268 -1.54 -14.96 10.40
C ARG A 268 -2.14 -14.56 11.73
N ALA A 269 -2.55 -13.29 11.81
CA ALA A 269 -3.11 -12.76 13.04
C ALA A 269 -4.63 -12.77 12.99
N VAL A 270 -5.24 -13.31 14.04
CA VAL A 270 -6.70 -13.36 14.14
C VAL A 270 -7.24 -13.92 12.83
N PRO A 271 -6.73 -15.10 12.41
CA PRO A 271 -7.05 -15.54 11.05
C PRO A 271 -8.53 -15.75 10.80
N HIS A 272 -9.31 -16.02 11.85
CA HIS A 272 -10.75 -16.22 11.66
C HIS A 272 -11.40 -14.99 11.09
N VAL A 273 -10.98 -13.83 11.55
CA VAL A 273 -11.64 -12.59 11.16
C VAL A 273 -11.52 -12.40 9.65
N HIS A 274 -12.61 -12.72 8.97
CA HIS A 274 -12.63 -12.65 7.51
C HIS A 274 -12.73 -11.23 7.01
N PHE A 275 -13.51 -10.40 7.70
CA PHE A 275 -13.52 -8.99 7.36
C PHE A 275 -12.63 -8.20 8.31
N ARG A 276 -11.80 -7.35 7.71
CA ARG A 276 -10.77 -6.65 8.45
C ARG A 276 -10.89 -5.14 8.28
N GLY A 277 -11.96 -4.57 8.82
CA GLY A 277 -12.18 -3.13 8.77
C GLY A 277 -11.23 -2.39 9.70
N HIS A 278 -11.17 -2.86 10.95
CA HIS A 278 -10.39 -2.21 12.00
C HIS A 278 -8.99 -1.84 11.51
N GLU A 279 -8.70 -0.55 11.52
CA GLU A 279 -7.45 -0.02 10.98
C GLU A 279 -6.19 -0.54 11.68
N GLU A 280 -6.36 -1.14 12.86
CA GLU A 280 -5.26 -1.76 13.60
C GLU A 280 -4.78 -3.04 12.93
N PHE A 281 -5.68 -3.67 12.18
CA PHE A 281 -5.32 -4.83 11.36
C PHE A 281 -4.11 -4.54 10.47
N GLN A 282 -3.97 -3.28 10.04
CA GLN A 282 -2.80 -2.83 9.30
C GLN A 282 -1.51 -3.15 10.04
N TYR A 283 -1.47 -2.82 11.33
CA TYR A 283 -0.28 -3.02 12.16
C TYR A 283 -0.05 -4.50 12.47
N LEU A 284 -1.11 -5.21 12.83
CA LEU A 284 -1.05 -6.65 13.11
C LEU A 284 -0.52 -7.46 11.91
N ASP A 285 -1.00 -7.13 10.72
CA ASP A 285 -0.56 -7.77 9.49
C ASP A 285 0.86 -7.34 9.13
N LEU A 286 1.25 -6.16 9.60
CA LEU A 286 2.60 -5.65 9.36
C LEU A 286 3.61 -6.43 10.18
N ILE A 287 3.24 -6.77 11.41
CA ILE A 287 4.05 -7.68 12.24
C ILE A 287 4.14 -9.06 11.59
N ALA A 288 2.99 -9.59 11.16
CA ALA A 288 2.90 -10.91 10.52
C ALA A 288 3.71 -11.03 9.23
N ASP A 289 3.73 -9.96 8.44
CA ASP A 289 4.49 -9.95 7.18
C ASP A 289 6.00 -9.96 7.42
N ILE A 290 6.46 -9.15 8.37
CA ILE A 290 7.88 -9.06 8.71
C ILE A 290 8.41 -10.43 9.14
N ILE A 291 7.67 -11.09 10.03
CA ILE A 291 8.06 -12.41 10.52
C ILE A 291 8.10 -13.43 9.38
N ASN A 292 7.03 -13.52 8.60
CA ASN A 292 6.96 -14.46 7.49
C ASN A 292 7.91 -14.17 6.34
N ASN A 293 7.99 -12.91 5.93
CA ASN A 293 8.67 -12.55 4.69
C ASN A 293 9.92 -11.66 4.85
N GLY A 294 10.38 -11.49 6.08
CA GLY A 294 11.53 -10.62 6.35
C GLY A 294 12.86 -11.34 6.28
N ARG A 295 13.94 -10.57 6.26
CA ARG A 295 15.30 -11.13 6.19
C ARG A 295 16.01 -10.88 7.52
N THR A 296 16.70 -11.90 8.02
CA THR A 296 17.37 -11.77 9.31
C THR A 296 18.70 -11.06 9.20
N MET A 297 18.78 -9.88 9.82
CA MET A 297 20.00 -9.08 9.83
C MET A 297 20.61 -9.07 11.23
N ASP A 298 21.91 -8.85 11.29
CA ASP A 298 22.56 -8.44 12.54
C ASP A 298 22.34 -6.95 12.75
N ASP A 299 22.60 -6.49 13.97
CA ASP A 299 22.19 -5.15 14.38
C ASP A 299 23.34 -4.39 15.03
N ARG A 300 23.28 -3.05 14.96
CA ARG A 300 24.21 -2.17 15.65
C ARG A 300 24.30 -2.48 17.16
N THR A 301 23.21 -3.01 17.72
CA THR A 301 23.18 -3.39 19.14
C THR A 301 23.68 -4.82 19.36
N GLY A 302 23.66 -5.63 18.30
CA GLY A 302 24.11 -7.01 18.36
C GLY A 302 22.99 -8.04 18.34
N VAL A 303 21.78 -7.60 18.71
CA VAL A 303 20.61 -8.47 18.79
C VAL A 303 20.02 -8.75 17.41
N GLY A 304 19.70 -10.02 17.16
CA GLY A 304 19.08 -10.46 15.91
C GLY A 304 17.82 -9.70 15.54
N VAL A 305 17.68 -9.42 14.25
CA VAL A 305 16.62 -8.58 13.73
C VAL A 305 15.99 -9.22 12.49
N ILE A 306 14.66 -9.26 12.45
CA ILE A 306 13.93 -9.54 11.21
C ILE A 306 13.37 -8.22 10.71
N SER A 307 13.71 -7.86 9.47
CA SER A 307 13.41 -6.53 8.97
C SER A 307 12.79 -6.54 7.57
N LYS A 308 12.17 -5.41 7.22
CA LYS A 308 11.63 -5.24 5.89
C LYS A 308 11.74 -3.79 5.46
N PHE A 309 11.66 -3.49 4.18
CA PHE A 309 11.84 -2.13 3.71
C PHE A 309 10.59 -1.58 3.08
N GLY A 310 10.35 -0.30 3.29
CA GLY A 310 9.22 0.34 2.68
C GLY A 310 7.85 -0.21 2.93
N CYS A 311 7.33 -0.10 4.15
CA CYS A 311 5.94 -0.40 4.40
C CYS A 311 5.12 0.70 5.05
N THR A 312 3.88 0.80 4.60
CA THR A 312 3.03 1.91 4.88
C THR A 312 1.86 1.54 5.73
N MET A 313 1.36 2.54 6.46
CA MET A 313 0.11 2.44 7.20
C MET A 313 -0.59 3.80 7.17
N ARG A 314 -1.91 3.77 7.19
CA ARG A 314 -2.69 5.00 7.31
C ARG A 314 -3.87 4.81 8.26
N TYR A 315 -4.07 5.79 9.13
CA TYR A 315 -5.11 5.76 10.16
C TYR A 315 -5.98 7.01 10.10
N SER A 316 -7.29 6.81 10.20
CA SER A 316 -8.25 7.92 10.24
C SER A 316 -8.24 8.60 11.60
N LEU A 317 -8.45 9.92 11.60
CA LEU A 317 -8.47 10.70 12.83
C LEU A 317 -9.80 11.43 13.02
N ASP A 318 -10.69 11.29 12.04
CA ASP A 318 -11.97 12.01 12.04
C ASP A 318 -13.02 11.36 12.94
N GLN A 319 -12.87 10.08 13.21
CA GLN A 319 -13.84 9.33 14.01
C GLN A 319 -13.28 8.98 15.40
N ALA A 320 -12.09 8.37 15.42
CA ALA A 320 -11.45 7.97 16.66
C ALA A 320 -9.93 8.10 16.56
N PHE A 321 -9.25 7.85 17.68
CA PHE A 321 -7.79 8.01 17.78
C PHE A 321 -7.09 6.65 17.68
N PRO A 322 -6.14 6.50 16.74
CA PRO A 322 -5.36 5.26 16.61
C PRO A 322 -4.39 5.03 17.77
N LEU A 323 -4.92 5.01 18.99
CA LEU A 323 -4.17 4.51 20.13
C LEU A 323 -4.45 3.02 20.19
N LEU A 324 -3.49 2.24 19.69
CA LEU A 324 -3.67 0.80 19.45
C LEU A 324 -4.12 0.03 20.69
N THR A 325 -5.01 -0.94 20.47
CA THR A 325 -5.71 -1.62 21.56
C THR A 325 -5.19 -3.02 21.86
N THR A 326 -4.49 -3.64 20.92
CA THR A 326 -4.05 -5.04 21.06
C THR A 326 -2.97 -5.23 22.14
N LYS A 327 -2.30 -4.15 22.50
CA LYS A 327 -1.50 -4.07 23.73
C LYS A 327 -1.53 -2.63 24.24
N ARG A 328 -1.52 -2.46 25.56
CA ARG A 328 -1.62 -1.13 26.17
C ARG A 328 -0.41 -0.25 25.85
N VAL A 329 -0.71 0.91 25.25
CA VAL A 329 0.30 1.89 24.87
C VAL A 329 0.49 2.89 26.01
N PHE A 330 1.73 3.23 26.30
CA PHE A 330 2.08 4.16 27.38
C PHE A 330 1.76 5.62 26.99
N TRP A 331 0.49 5.98 27.08
CA TRP A 331 0.01 7.28 26.60
C TRP A 331 0.57 8.46 27.38
N LYS A 332 0.83 8.26 28.67
CA LYS A 332 1.48 9.24 29.51
C LYS A 332 2.82 9.63 28.89
N GLY A 333 3.47 8.66 28.26
CA GLY A 333 4.72 8.87 27.55
C GLY A 333 4.57 9.63 26.24
N VAL A 334 3.59 9.23 25.43
CA VAL A 334 3.38 9.84 24.11
C VAL A 334 3.05 11.32 24.22
N LEU A 335 2.37 11.67 25.31
CA LEU A 335 1.96 13.04 25.58
C LEU A 335 3.13 13.85 26.12
N GLU A 336 3.84 13.27 27.08
CA GLU A 336 4.95 13.97 27.72
C GLU A 336 6.15 14.11 26.78
N GLU A 337 6.35 13.11 25.92
CA GLU A 337 7.41 13.14 24.94
C GLU A 337 7.17 14.18 23.85
N LEU A 338 5.91 14.33 23.43
CA LEU A 338 5.56 15.28 22.37
C LEU A 338 5.67 16.72 22.83
N LEU A 339 5.17 17.00 24.03
CA LEU A 339 5.24 18.32 24.65
C LEU A 339 6.68 18.67 25.04
N TRP A 340 7.50 17.64 25.20
CA TRP A 340 8.95 17.77 25.36
C TRP A 340 9.54 18.28 24.05
N PHE A 341 9.16 17.65 22.94
CA PHE A 341 9.62 18.05 21.61
C PHE A 341 9.16 19.45 21.27
N ILE A 342 7.88 19.73 21.53
CA ILE A 342 7.28 21.02 21.22
C ILE A 342 8.00 22.17 21.92
N ARG A 343 8.39 21.96 23.17
CA ARG A 343 9.19 22.94 23.90
C ARG A 343 10.62 23.04 23.35
N GLY A 344 10.99 22.09 22.50
CA GLY A 344 12.33 22.04 21.91
C GLY A 344 13.34 21.62 22.96
N ASP A 345 12.87 20.79 23.89
CA ASP A 345 13.67 20.39 25.01
C ASP A 345 14.61 19.26 24.62
N THR A 346 15.81 19.30 25.19
CA THR A 346 16.86 18.32 24.91
C THR A 346 17.33 17.65 26.20
N ASN A 347 16.59 17.90 27.27
CA ASN A 347 16.91 17.39 28.60
C ASN A 347 15.98 16.23 28.97
N ALA A 348 16.51 15.01 28.92
CA ALA A 348 15.72 13.80 29.15
C ALA A 348 15.29 13.62 30.61
N ASN A 349 15.93 14.38 31.50
CA ASN A 349 15.61 14.33 32.93
C ASN A 349 14.27 14.95 33.26
N HIS A 350 13.83 15.87 32.40
CA HIS A 350 12.49 16.44 32.52
C HIS A 350 11.42 15.38 32.24
N LEU A 351 11.74 14.44 31.35
CA LEU A 351 10.89 13.27 31.12
C LEU A 351 11.06 12.26 32.24
N SER A 352 12.32 12.08 32.66
CA SER A 352 12.70 11.10 33.66
C SER A 352 12.08 11.40 35.03
N GLU A 353 11.97 12.69 35.36
CA GLU A 353 11.39 13.11 36.63
C GLU A 353 9.87 12.92 36.63
N LYS A 354 9.28 12.88 35.43
CA LYS A 354 7.83 12.83 35.28
C LYS A 354 7.26 11.42 35.18
N GLY A 355 8.14 10.42 35.21
CA GLY A 355 7.74 9.02 35.16
C GLY A 355 7.82 8.41 33.78
N VAL A 356 8.46 9.13 32.86
CA VAL A 356 8.68 8.63 31.52
C VAL A 356 10.18 8.40 31.33
N LYS A 357 10.59 7.15 31.44
CA LYS A 357 12.00 6.77 31.45
C LYS A 357 12.45 6.19 30.10
N ILE A 358 11.79 6.64 29.03
CA ILE A 358 12.01 6.11 27.68
C ILE A 358 13.32 6.57 27.04
N TRP A 359 13.91 7.62 27.60
CA TRP A 359 15.12 8.22 27.05
C TRP A 359 16.36 8.03 27.91
N ASP A 360 16.14 7.58 29.15
CA ASP A 360 17.20 7.44 30.15
C ASP A 360 18.27 6.43 29.74
N LYS A 361 17.85 5.30 29.18
CA LYS A 361 18.77 4.26 28.70
C LYS A 361 19.61 4.72 27.51
N ASN A 362 19.36 5.94 27.05
CA ASN A 362 20.08 6.51 25.92
C ASN A 362 20.81 7.80 26.29
N VAL A 363 20.65 8.24 27.55
CA VAL A 363 21.37 9.41 28.06
C VAL A 363 22.27 9.06 29.24
N THR A 364 22.52 7.78 29.42
CA THR A 364 23.43 7.28 30.45
C THR A 364 24.88 7.62 30.12
N ARG A 365 25.70 7.74 31.16
CA ARG A 365 27.14 8.02 31.02
C ARG A 365 27.85 7.02 30.11
N GLU A 366 27.41 5.76 30.16
CA GLU A 366 27.97 4.70 29.31
C GLU A 366 27.63 4.91 27.84
N PHE A 367 26.36 5.18 27.55
CA PHE A 367 25.90 5.36 26.17
C PHE A 367 26.36 6.69 25.57
N LEU A 368 26.42 7.73 26.39
CA LEU A 368 26.91 9.03 25.95
C LEU A 368 28.39 8.97 25.54
N ASP A 369 29.16 8.16 26.25
CA ASP A 369 30.57 7.96 25.95
C ASP A 369 30.81 7.00 24.80
N SER A 370 29.90 6.03 24.62
CA SER A 370 29.97 5.09 23.49
C SER A 370 29.58 5.76 22.18
N ARG A 371 28.84 6.87 22.29
CA ARG A 371 28.51 7.74 21.18
C ARG A 371 29.54 8.88 21.08
N ASN A 372 30.64 8.70 21.81
CA ASN A 372 31.82 9.58 21.75
C ASN A 372 31.57 11.03 22.21
N LEU A 373 30.73 11.19 23.22
CA LEU A 373 30.39 12.51 23.77
C LEU A 373 30.69 12.58 25.27
N PRO A 374 31.96 12.83 25.64
CA PRO A 374 32.38 12.79 27.04
C PRO A 374 31.87 13.96 27.88
N HIS A 375 31.61 15.10 27.24
CA HIS A 375 31.23 16.30 27.97
C HIS A 375 29.72 16.53 28.06
N ARG A 376 28.94 15.67 27.42
CA ARG A 376 27.49 15.71 27.55
C ARG A 376 27.07 15.30 28.96
N GLU A 377 26.30 16.16 29.62
CA GLU A 377 25.73 15.87 30.92
C GLU A 377 24.68 14.76 30.78
N VAL A 378 24.47 14.01 31.85
CA VAL A 378 23.45 12.95 31.86
C VAL A 378 22.07 13.58 31.64
N GLY A 379 21.40 13.16 30.57
CA GLY A 379 20.09 13.70 30.19
C GLY A 379 20.09 14.37 28.84
N ASP A 380 21.26 14.85 28.41
CA ASP A 380 21.37 15.64 27.19
C ASP A 380 21.36 14.76 25.96
N ILE A 381 20.25 14.79 25.21
CA ILE A 381 20.13 14.04 23.96
C ILE A 381 20.92 14.69 22.82
N GLY A 382 21.58 15.80 23.14
CA GLY A 382 22.22 16.63 22.12
C GLY A 382 21.13 17.36 21.36
N PRO A 383 21.44 17.79 20.13
CA PRO A 383 20.42 18.39 19.28
C PRO A 383 19.37 17.36 18.85
N GLY A 384 18.50 16.99 19.79
CA GLY A 384 17.49 15.97 19.54
C GLY A 384 16.33 16.50 18.73
N TYR A 385 15.35 15.63 18.49
CA TYR A 385 14.22 15.96 17.60
C TYR A 385 13.62 17.29 17.97
N GLY A 386 13.33 17.45 19.26
CA GLY A 386 12.74 18.69 19.74
C GLY A 386 13.54 19.88 19.28
N PHE A 387 14.87 19.72 19.31
CA PHE A 387 15.76 20.82 19.03
C PHE A 387 15.69 21.34 17.61
N GLN A 388 15.67 20.44 16.63
CA GLN A 388 15.66 20.87 15.23
C GLN A 388 14.32 21.48 14.84
N TRP A 389 13.24 20.88 15.34
CA TRP A 389 11.87 21.33 15.10
C TRP A 389 11.72 22.84 15.29
N ARG A 390 12.35 23.36 16.34
CA ARG A 390 12.17 24.74 16.75
C ARG A 390 13.40 25.61 16.48
N HIS A 391 14.55 24.96 16.30
CA HIS A 391 15.82 25.65 16.13
C HIS A 391 16.71 24.95 15.10
N PHE A 392 16.17 24.59 13.94
CA PHE A 392 16.94 23.88 12.93
C PHE A 392 18.17 24.69 12.52
N GLY A 393 19.34 24.08 12.66
CA GLY A 393 20.59 24.70 12.27
C GLY A 393 21.27 25.50 13.37
N ALA A 394 20.57 25.68 14.50
CA ALA A 394 21.14 26.39 15.63
C ALA A 394 22.32 25.63 16.23
N ALA A 395 23.35 26.37 16.61
CA ALA A 395 24.57 25.79 17.17
C ALA A 395 24.38 25.41 18.63
N TYR A 396 24.43 24.10 18.89
CA TYR A 396 24.11 23.53 20.20
C TYR A 396 25.25 23.71 21.22
N LYS A 397 24.87 23.94 22.47
CA LYS A 397 25.83 24.01 23.58
C LYS A 397 25.53 22.89 24.57
N ASP A 398 24.53 23.09 25.42
CA ASP A 398 24.00 22.02 26.29
C ASP A 398 22.48 22.10 26.40
N MET A 399 21.90 21.29 27.28
CA MET A 399 20.45 21.29 27.46
C MET A 399 19.97 22.50 28.25
N HIS A 400 20.88 23.12 29.00
CA HIS A 400 20.54 24.25 29.88
C HIS A 400 20.55 25.59 29.16
N THR A 401 21.31 25.69 28.07
CA THR A 401 21.41 26.93 27.29
C THR A 401 20.08 27.29 26.66
N ASP A 402 19.78 28.58 26.59
CA ASP A 402 18.53 29.09 26.03
C ASP A 402 18.72 29.44 24.55
N TYR A 403 17.92 28.80 23.70
CA TYR A 403 18.12 28.87 22.25
C TYR A 403 17.04 29.66 21.51
N THR A 404 16.10 30.22 22.26
CA THR A 404 15.00 30.99 21.69
C THR A 404 15.49 31.99 20.63
N GLY A 405 14.97 31.86 19.42
CA GLY A 405 15.32 32.77 18.32
C GLY A 405 16.37 32.23 17.37
N GLN A 406 17.22 31.34 17.86
CA GLN A 406 18.29 30.76 17.04
C GLN A 406 17.76 29.63 16.17
N GLY A 407 18.33 29.50 14.97
CA GLY A 407 17.94 28.44 14.04
C GLY A 407 16.60 28.66 13.37
N VAL A 408 16.13 27.66 12.65
CA VAL A 408 14.83 27.73 11.98
C VAL A 408 13.76 27.13 12.88
N ASP A 409 12.69 27.87 13.11
CA ASP A 409 11.55 27.36 13.84
C ASP A 409 10.57 26.77 12.85
N GLN A 410 10.81 25.52 12.46
CA GLN A 410 10.02 24.83 11.45
C GLN A 410 8.56 24.72 11.83
N LEU A 411 8.31 24.43 13.10
CA LEU A 411 6.95 24.27 13.62
C LEU A 411 6.13 25.55 13.50
N LYS A 412 6.76 26.69 13.81
CA LYS A 412 6.12 27.99 13.66
C LYS A 412 5.75 28.21 12.19
N ASN A 413 6.72 27.99 11.31
CA ASN A 413 6.55 28.13 9.87
C ASN A 413 5.48 27.22 9.29
N VAL A 414 5.32 26.04 9.90
CA VAL A 414 4.32 25.06 9.48
C VAL A 414 2.91 25.57 9.80
N ILE A 415 2.73 26.00 11.05
CA ILE A 415 1.42 26.47 11.51
C ILE A 415 1.00 27.74 10.77
N GLN A 416 1.93 28.66 10.59
CA GLN A 416 1.67 29.92 9.87
C GLN A 416 1.25 29.66 8.43
N MET A 417 2.02 28.83 7.72
CA MET A 417 1.69 28.48 6.34
C MET A 417 0.34 27.78 6.27
N LEU A 418 -0.01 27.03 7.31
CA LEU A 418 -1.30 26.37 7.40
C LEU A 418 -2.45 27.36 7.56
N ARG A 419 -2.31 28.28 8.51
CA ARG A 419 -3.37 29.24 8.83
C ARG A 419 -3.58 30.29 7.74
N THR A 420 -2.61 30.43 6.84
CA THR A 420 -2.64 31.46 5.81
C THR A 420 -2.75 30.90 4.39
N ASN A 421 -1.82 30.02 4.01
CA ASN A 421 -1.73 29.50 2.65
C ASN A 421 -1.75 27.95 2.62
N PRO A 422 -2.92 27.35 2.89
CA PRO A 422 -3.01 25.90 3.07
C PRO A 422 -2.77 25.06 1.80
N THR A 423 -2.77 25.72 0.64
CA THR A 423 -2.53 25.01 -0.62
C THR A 423 -1.04 24.97 -0.97
N ASP A 424 -0.20 25.43 -0.04
CA ASP A 424 1.25 25.37 -0.18
C ASP A 424 1.75 23.94 0.06
N ARG A 425 2.74 23.51 -0.73
CA ARG A 425 3.24 22.13 -0.67
C ARG A 425 4.61 22.01 0.02
N ARG A 426 5.08 23.12 0.59
CA ARG A 426 6.36 23.15 1.31
C ARG A 426 6.13 23.09 2.83
N MET A 427 4.97 22.54 3.23
CA MET A 427 4.57 22.50 4.64
C MET A 427 5.18 21.31 5.36
N LEU A 428 6.50 21.35 5.54
CA LEU A 428 7.25 20.21 6.07
C LEU A 428 8.15 20.57 7.25
N MET A 429 8.37 19.56 8.09
CA MET A 429 9.20 19.70 9.28
C MET A 429 10.16 18.53 9.29
N THR A 430 11.42 18.80 9.63
CA THR A 430 12.43 17.75 9.63
C THR A 430 13.38 17.78 10.84
N ALA A 431 13.61 16.59 11.39
CA ALA A 431 14.51 16.41 12.51
C ALA A 431 15.91 16.03 12.06
N TRP A 432 16.03 15.61 10.80
CA TRP A 432 17.30 15.15 10.25
C TRP A 432 18.19 16.32 9.87
N ASN A 433 19.35 16.37 10.50
CA ASN A 433 20.36 17.39 10.22
C ASN A 433 21.73 16.73 10.12
N PRO A 434 22.15 16.35 8.89
CA PRO A 434 23.41 15.67 8.62
C PRO A 434 24.63 16.30 9.29
N ALA A 435 24.71 17.62 9.30
CA ALA A 435 25.82 18.35 9.92
C ALA A 435 25.84 18.17 11.44
N ALA A 436 24.67 17.91 12.02
CA ALA A 436 24.51 17.85 13.47
C ALA A 436 24.34 16.43 14.04
N LEU A 437 24.34 15.43 13.16
CA LEU A 437 24.12 14.03 13.56
C LEU A 437 25.13 13.53 14.60
N ASP A 438 26.38 13.91 14.42
CA ASP A 438 27.49 13.49 15.27
C ASP A 438 27.31 13.88 16.74
N GLU A 439 26.79 15.09 16.97
CA GLU A 439 26.59 15.61 18.33
C GLU A 439 25.36 15.03 19.01
N MET A 440 24.47 14.42 18.23
CA MET A 440 23.26 13.81 18.77
C MET A 440 23.58 12.52 19.50
N ALA A 441 22.89 12.30 20.62
CA ALA A 441 22.95 11.02 21.32
C ALA A 441 22.39 9.92 20.44
N LEU A 442 21.39 10.26 19.62
CA LEU A 442 20.81 9.32 18.68
C LEU A 442 20.26 10.04 17.45
N PRO A 443 20.59 9.53 16.24
CA PRO A 443 20.01 10.02 15.00
C PRO A 443 18.51 9.75 15.00
N PRO A 444 17.70 10.79 14.71
CA PRO A 444 16.25 10.67 14.85
C PRO A 444 15.66 9.52 14.04
N CYS A 445 14.75 8.77 14.66
CA CYS A 445 14.05 7.68 13.99
C CYS A 445 12.95 8.27 13.12
N HIS A 446 12.02 8.98 13.75
CA HIS A 446 11.06 9.82 13.04
C HIS A 446 11.74 11.15 12.73
N LEU A 447 11.98 11.38 11.44
CA LEU A 447 12.82 12.49 10.99
C LEU A 447 12.12 13.55 10.13
N LEU A 448 10.90 13.25 9.69
CA LEU A 448 10.18 14.16 8.80
C LEU A 448 8.67 14.01 8.87
N CYS A 449 7.95 15.14 8.88
CA CYS A 449 6.51 15.12 8.70
C CYS A 449 6.01 16.24 7.79
N GLN A 450 5.06 15.89 6.94
CA GLN A 450 4.45 16.80 5.99
C GLN A 450 2.97 16.97 6.31
N PHE A 451 2.47 18.18 6.09
CA PHE A 451 1.08 18.47 6.38
C PHE A 451 0.35 18.83 5.10
N TYR A 452 -0.93 18.49 5.06
CA TYR A 452 -1.70 18.64 3.85
C TYR A 452 -3.09 19.06 4.19
N VAL A 453 -3.57 20.09 3.50
CA VAL A 453 -4.91 20.60 3.77
C VAL A 453 -5.81 20.47 2.56
N ASN A 454 -7.02 20.03 2.89
CA ASN A 454 -7.98 19.51 1.97
C ASN A 454 -8.89 20.62 1.46
N ASP A 455 -9.90 20.22 0.67
CA ASP A 455 -10.98 21.09 0.25
C ASP A 455 -11.71 21.66 1.46
N GLN A 456 -12.04 20.75 2.36
CA GLN A 456 -12.96 21.06 3.44
C GLN A 456 -12.22 21.35 4.72
N LYS A 457 -11.07 22.02 4.59
CA LYS A 457 -10.25 22.38 5.73
C LYS A 457 -9.93 21.14 6.56
N GLU A 458 -9.58 20.05 5.89
CA GLU A 458 -9.26 18.81 6.58
C GLU A 458 -7.76 18.58 6.55
N LEU A 459 -7.20 18.31 7.73
CA LEU A 459 -5.77 18.15 7.84
C LEU A 459 -5.36 16.68 7.74
N SER A 460 -4.36 16.44 6.90
CA SER A 460 -3.71 15.13 6.83
C SER A 460 -2.22 15.30 7.07
N CYS A 461 -1.61 14.28 7.67
CA CYS A 461 -0.19 14.33 8.02
C CYS A 461 0.52 13.05 7.63
N ILE A 462 1.66 13.19 6.97
CA ILE A 462 2.55 12.09 6.66
C ILE A 462 3.76 12.18 7.58
N MET A 463 4.16 11.05 8.14
CA MET A 463 5.41 10.98 8.87
C MET A 463 6.27 9.84 8.37
N TYR A 464 7.52 10.17 8.04
CA TYR A 464 8.49 9.19 7.58
C TYR A 464 9.45 8.83 8.69
N GLN A 465 9.63 7.52 8.89
CA GLN A 465 10.47 7.00 9.94
C GLN A 465 11.47 6.03 9.35
N ARG A 466 12.75 6.37 9.45
CA ARG A 466 13.86 5.59 8.87
C ARG A 466 14.02 4.22 9.50
N SER A 467 13.73 4.13 10.80
CA SER A 467 13.91 2.91 11.57
C SER A 467 12.74 2.70 12.52
N CYS A 468 12.13 1.54 12.45
CA CYS A 468 10.87 1.28 13.13
C CYS A 468 10.90 -0.01 13.95
N ASP A 469 10.88 0.15 15.26
CA ASP A 469 10.77 -0.98 16.19
C ASP A 469 9.30 -1.37 16.29
N VAL A 470 8.86 -2.23 15.37
CA VAL A 470 7.44 -2.60 15.21
C VAL A 470 6.81 -3.19 16.48
N GLY A 471 7.63 -3.77 17.33
CA GLY A 471 7.15 -4.29 18.61
C GLY A 471 6.85 -3.19 19.61
N LEU A 472 7.79 -2.26 19.76
CA LEU A 472 7.77 -1.32 20.88
C LEU A 472 7.53 0.13 20.48
N GLY A 473 8.19 0.57 19.42
CA GLY A 473 8.18 1.98 19.02
C GLY A 473 7.07 2.41 18.08
N VAL A 474 6.69 1.53 17.16
CA VAL A 474 5.73 1.85 16.11
C VAL A 474 4.33 2.30 16.58
N PRO A 475 3.67 1.52 17.48
CA PRO A 475 2.39 1.99 18.01
C PRO A 475 2.52 3.31 18.78
N PHE A 476 3.66 3.49 19.44
CA PHE A 476 3.97 4.73 20.15
C PHE A 476 4.04 5.89 19.17
N ASN A 477 4.67 5.64 18.02
CA ASN A 477 4.85 6.66 16.99
C ASN A 477 3.56 6.99 16.26
N ILE A 478 2.78 5.96 15.94
CA ILE A 478 1.41 6.14 15.43
C ILE A 478 0.67 7.12 16.34
N ALA A 479 0.70 6.83 17.64
CA ALA A 479 0.05 7.66 18.65
C ALA A 479 0.67 9.05 18.76
N SER A 480 1.99 9.12 18.65
CA SER A 480 2.73 10.36 18.87
C SER A 480 2.53 11.43 17.78
N TYR A 481 2.31 11.00 16.54
CA TYR A 481 2.07 11.95 15.45
C TYR A 481 0.60 12.22 15.19
N SER A 482 -0.24 11.22 15.45
CA SER A 482 -1.70 11.40 15.40
C SER A 482 -2.11 12.47 16.40
N LEU A 483 -1.39 12.53 17.52
CA LEU A 483 -1.61 13.53 18.55
C LEU A 483 -1.19 14.92 18.10
N LEU A 484 -0.02 15.00 17.45
CA LEU A 484 0.48 16.27 16.89
C LEU A 484 -0.51 16.81 15.87
N THR A 485 -0.99 15.91 15.01
CA THR A 485 -1.99 16.23 13.98
C THR A 485 -3.28 16.78 14.59
N LEU A 486 -3.71 16.21 15.73
CA LEU A 486 -4.86 16.74 16.47
C LEU A 486 -4.56 18.14 17.00
N MET A 487 -3.37 18.29 17.58
CA MET A 487 -2.94 19.55 18.20
C MET A 487 -2.87 20.69 17.20
N VAL A 488 -2.18 20.43 16.09
CA VAL A 488 -2.02 21.39 15.00
C VAL A 488 -3.37 21.77 14.38
N ALA A 489 -4.23 20.76 14.16
CA ALA A 489 -5.55 20.97 13.58
C ALA A 489 -6.38 21.96 14.38
N HIS A 490 -6.39 21.79 15.70
CA HIS A 490 -7.08 22.71 16.61
C HIS A 490 -6.46 24.11 16.58
N VAL A 491 -5.13 24.18 16.55
CA VAL A 491 -4.39 25.44 16.55
C VAL A 491 -4.54 26.20 15.24
N CYS A 492 -4.88 25.48 14.17
CA CYS A 492 -5.07 26.10 12.87
C CYS A 492 -6.54 26.20 12.48
N ASN A 493 -7.42 25.73 13.36
CA ASN A 493 -8.87 25.70 13.11
C ASN A 493 -9.28 24.73 12.01
N LEU A 494 -8.79 23.49 12.10
CA LEU A 494 -8.98 22.49 11.04
C LEU A 494 -9.52 21.18 11.58
N LYS A 495 -10.25 20.45 10.74
CA LYS A 495 -10.76 19.12 11.08
C LYS A 495 -9.68 18.08 10.82
N PRO A 496 -9.38 17.22 11.82
CA PRO A 496 -8.37 16.19 11.57
C PRO A 496 -8.96 15.06 10.72
N LYS A 497 -8.21 14.62 9.71
CA LYS A 497 -8.71 13.60 8.78
C LYS A 497 -7.92 12.29 8.85
N GLU A 498 -6.61 12.37 8.65
CA GLU A 498 -5.81 11.16 8.49
C GLU A 498 -4.34 11.30 8.88
N PHE A 499 -3.80 10.23 9.47
CA PHE A 499 -2.36 10.13 9.70
C PHE A 499 -1.78 9.00 8.85
N ILE A 500 -0.77 9.36 8.06
CA ILE A 500 -0.10 8.41 7.18
C ILE A 500 1.32 8.13 7.69
N HIS A 501 1.60 6.86 7.95
CA HIS A 501 2.88 6.43 8.45
C HIS A 501 3.71 5.82 7.32
N PHE A 502 4.80 6.49 6.95
CA PHE A 502 5.77 5.93 6.02
C PHE A 502 6.98 5.40 6.80
N MET A 503 7.41 4.19 6.47
CA MET A 503 8.40 3.47 7.27
C MET A 503 9.57 2.97 6.44
N GLY A 504 10.78 3.23 6.91
CA GLY A 504 11.99 2.82 6.22
C GLY A 504 12.43 1.41 6.57
N ASN A 505 13.37 1.29 7.50
CA ASN A 505 13.78 0.00 8.04
C ASN A 505 12.73 -0.45 9.05
N THR A 506 11.85 -1.33 8.61
CA THR A 506 10.71 -1.75 9.40
C THR A 506 10.96 -3.16 9.93
N HIS A 507 11.17 -3.28 11.24
CA HIS A 507 11.72 -4.49 11.84
C HIS A 507 11.13 -4.91 13.19
N VAL A 508 11.19 -6.21 13.46
CA VAL A 508 10.91 -6.77 14.79
C VAL A 508 12.18 -7.43 15.35
N TYR A 509 12.47 -7.18 16.63
CA TYR A 509 13.63 -7.83 17.27
C TYR A 509 13.31 -9.29 17.58
N THR A 510 14.36 -10.12 17.61
CA THR A 510 14.18 -11.56 17.78
C THR A 510 13.89 -12.00 19.21
N ASN A 511 14.19 -11.13 20.18
CA ASN A 511 13.75 -11.34 21.56
C ASN A 511 12.34 -10.77 21.81
N HIS A 512 11.57 -10.63 20.73
CA HIS A 512 10.15 -10.29 20.80
C HIS A 512 9.29 -11.26 20.00
N VAL A 513 9.91 -12.04 19.10
CA VAL A 513 9.19 -12.93 18.18
C VAL A 513 8.10 -13.75 18.89
N GLU A 514 8.44 -14.36 20.02
N GLU A 514 8.46 -14.37 20.00
CA GLU A 514 7.49 -15.13 20.80
CA GLU A 514 7.53 -15.13 20.84
C GLU A 514 6.45 -14.23 21.48
C GLU A 514 6.46 -14.21 21.43
N ALA A 515 6.89 -13.06 21.95
CA ALA A 515 6.01 -12.08 22.57
C ALA A 515 5.08 -11.37 21.58
N LEU A 516 5.36 -11.53 20.29
CA LEU A 516 4.55 -10.92 19.24
C LEU A 516 3.53 -11.91 18.66
N LYS A 517 3.94 -13.17 18.49
CA LYS A 517 3.04 -14.22 18.02
C LYS A 517 1.82 -14.35 18.92
N GLU A 518 2.04 -14.14 20.22
CA GLU A 518 0.98 -14.09 21.22
C GLU A 518 0.03 -12.90 20.99
N GLN A 519 0.60 -11.72 20.76
CA GLN A 519 -0.17 -10.49 20.57
C GLN A 519 -1.13 -10.61 19.38
N LEU A 520 -0.68 -11.31 18.33
CA LEU A 520 -1.45 -11.48 17.10
C LEU A 520 -2.70 -12.35 17.29
N ARG A 521 -2.67 -13.19 18.31
CA ARG A 521 -3.83 -13.98 18.68
C ARG A 521 -4.96 -13.07 19.22
N ARG A 522 -4.58 -11.89 19.71
CA ARG A 522 -5.53 -10.92 20.24
C ARG A 522 -6.15 -10.12 19.11
N GLU A 523 -7.47 -10.10 19.05
CA GLU A 523 -8.19 -9.20 18.13
C GLU A 523 -8.37 -7.83 18.78
N PRO A 524 -8.30 -6.76 17.96
CA PRO A 524 -8.31 -5.41 18.51
C PRO A 524 -9.68 -4.95 19.02
N ARG A 525 -9.65 -4.04 19.97
CA ARG A 525 -10.85 -3.41 20.50
C ARG A 525 -11.08 -2.10 19.74
N PRO A 526 -12.28 -1.49 19.85
CA PRO A 526 -12.44 -0.20 19.19
C PRO A 526 -11.43 0.84 19.67
N PHE A 527 -11.07 1.77 18.79
CA PHE A 527 -10.18 2.87 19.13
C PHE A 527 -10.85 3.82 20.11
N PRO A 528 -10.05 4.54 20.93
CA PRO A 528 -10.63 5.54 21.81
C PRO A 528 -10.78 6.89 21.12
N ILE A 529 -11.42 7.83 21.80
CA ILE A 529 -11.44 9.23 21.39
C ILE A 529 -10.51 10.02 22.31
N VAL A 530 -9.62 10.80 21.72
CA VAL A 530 -8.82 11.76 22.48
C VAL A 530 -9.42 13.13 22.26
N ASN A 531 -9.95 13.71 23.33
CA ASN A 531 -10.50 15.06 23.26
C ASN A 531 -9.48 16.07 23.77
N ILE A 532 -9.47 17.24 23.13
CA ILE A 532 -8.67 18.35 23.63
C ILE A 532 -9.55 19.15 24.56
N LEU A 533 -9.14 19.22 25.82
CA LEU A 533 -9.85 19.98 26.85
C LEU A 533 -9.37 21.43 26.82
N ASN A 534 -10.21 22.33 27.32
CA ASN A 534 -9.91 23.78 27.41
C ASN A 534 -9.59 24.41 26.06
N LYS A 535 -10.42 24.14 25.07
CA LYS A 535 -10.15 24.53 23.69
C LYS A 535 -9.91 26.03 23.50
N GLU A 536 -10.67 26.86 24.22
CA GLU A 536 -10.62 28.32 24.10
C GLU A 536 -9.28 28.90 24.55
N ARG A 537 -8.74 28.36 25.65
CA ARG A 537 -7.49 28.83 26.23
C ARG A 537 -6.29 28.53 25.34
N ILE A 538 -6.41 27.48 24.53
CA ILE A 538 -5.33 27.03 23.64
C ILE A 538 -5.50 27.57 22.22
N LYS A 539 -4.55 28.40 21.80
CA LYS A 539 -4.60 29.02 20.48
C LYS A 539 -3.28 28.90 19.75
N GLU A 540 -2.21 28.69 20.51
CA GLU A 540 -0.90 28.36 19.93
C GLU A 540 -0.48 26.94 20.32
N ILE A 541 0.51 26.41 19.62
CA ILE A 541 0.97 25.04 19.86
C ILE A 541 1.68 24.91 21.23
N ASP A 542 2.28 26.01 21.68
CA ASP A 542 2.97 26.05 22.98
C ASP A 542 1.99 26.19 24.15
N ASP A 543 0.75 26.59 23.86
CA ASP A 543 -0.29 26.76 24.88
C ASP A 543 -0.69 25.45 25.58
N PHE A 544 -0.49 24.34 24.88
CA PHE A 544 -0.85 23.00 25.37
C PHE A 544 -0.07 22.58 26.61
N THR A 545 -0.76 21.89 27.52
CA THR A 545 -0.17 21.26 28.70
C THR A 545 -0.73 19.84 28.82
N ALA A 546 -0.03 19.01 29.60
CA ALA A 546 -0.41 17.60 29.80
C ALA A 546 -1.86 17.40 30.25
N GLU A 547 -2.43 18.44 30.87
CA GLU A 547 -3.78 18.35 31.43
C GLU A 547 -4.87 18.59 30.41
N ASP A 548 -4.50 19.18 29.28
CA ASP A 548 -5.47 19.60 28.27
C ASP A 548 -6.00 18.45 27.42
N PHE A 549 -5.80 17.22 27.89
CA PHE A 549 -6.17 16.05 27.12
C PHE A 549 -6.89 15.00 27.96
N GLU A 550 -7.68 14.19 27.27
CA GLU A 550 -8.52 13.19 27.92
C GLU A 550 -8.77 12.02 26.97
N VAL A 551 -8.30 10.84 27.37
CA VAL A 551 -8.51 9.63 26.56
C VAL A 551 -9.81 8.98 27.01
N VAL A 552 -10.76 8.90 26.07
CA VAL A 552 -12.10 8.42 26.40
C VAL A 552 -12.41 7.10 25.69
N GLY A 553 -12.77 6.09 26.48
CA GLY A 553 -13.17 4.79 25.94
C GLY A 553 -12.04 3.86 25.53
N TYR A 554 -10.89 3.96 26.19
CA TYR A 554 -9.74 3.10 25.91
C TYR A 554 -9.85 1.79 26.69
N VAL A 555 -9.88 0.67 25.95
CA VAL A 555 -10.00 -0.67 26.54
C VAL A 555 -8.97 -1.61 25.91
N PRO A 556 -7.68 -1.48 26.28
CA PRO A 556 -6.67 -2.33 25.65
C PRO A 556 -6.49 -3.71 26.30
N HIS A 557 -5.83 -4.62 25.59
CA HIS A 557 -5.48 -5.93 26.12
C HIS A 557 -4.30 -5.83 27.09
N GLY A 558 -3.98 -6.94 27.76
CA GLY A 558 -2.90 -6.98 28.76
C GLY A 558 -1.53 -6.55 28.24
N ARG A 559 -0.69 -6.06 29.15
CA ARG A 559 0.67 -5.63 28.81
C ARG A 559 1.61 -6.80 28.58
N ILE A 560 2.41 -6.71 27.52
CA ILE A 560 3.44 -7.70 27.22
C ILE A 560 4.81 -7.06 27.43
N GLN A 561 5.64 -7.70 28.25
CA GLN A 561 6.96 -7.16 28.60
C GLN A 561 7.97 -7.24 27.45
N MET A 562 8.34 -6.07 26.94
CA MET A 562 9.29 -5.94 25.85
C MET A 562 10.40 -4.95 26.23
N GLU A 563 11.61 -5.49 26.42
CA GLU A 563 12.78 -4.70 26.82
C GLU A 563 13.18 -3.70 25.74
N MET A 564 13.76 -2.57 26.17
CA MET A 564 14.23 -1.54 25.26
C MET A 564 15.69 -1.80 24.87
N ALA A 565 15.96 -1.80 23.56
CA ALA A 565 17.31 -1.99 23.06
C ALA A 565 18.09 -0.68 23.10
N VAL A 566 19.20 -0.68 23.85
CA VAL A 566 19.99 0.52 24.08
C VAL A 566 20.76 0.97 22.83
N PRO B 4 -11.58 -24.81 -30.98
CA PRO B 4 -10.97 -23.69 -30.29
C PRO B 4 -9.50 -23.94 -29.95
N VAL B 5 -8.61 -23.24 -30.66
CA VAL B 5 -7.16 -23.42 -30.53
C VAL B 5 -6.48 -22.17 -29.93
N CYS B 6 -5.28 -22.36 -29.39
CA CYS B 6 -4.49 -21.25 -28.85
C CYS B 6 -3.09 -21.20 -29.46
N LEU B 7 -2.60 -19.99 -29.70
CA LEU B 7 -1.26 -19.78 -30.24
C LEU B 7 -0.31 -19.37 -29.13
N VAL B 8 0.89 -19.93 -29.14
CA VAL B 8 1.90 -19.59 -28.15
C VAL B 8 3.25 -19.26 -28.78
N VAL B 9 3.68 -18.01 -28.64
CA VAL B 9 4.82 -17.50 -29.37
C VAL B 9 5.73 -16.63 -28.50
N ALA B 10 7.00 -16.54 -28.90
CA ALA B 10 7.92 -15.52 -28.44
C ALA B 10 8.26 -14.63 -29.64
N MET B 11 8.31 -13.31 -29.42
CA MET B 11 8.23 -12.36 -30.54
C MET B 11 8.97 -11.04 -30.29
N THR B 12 9.85 -10.66 -31.22
CA THR B 12 10.53 -9.36 -31.16
C THR B 12 9.52 -8.25 -31.50
N PRO B 13 9.86 -6.97 -31.22
CA PRO B 13 8.95 -5.86 -31.51
C PRO B 13 8.49 -5.81 -32.96
N LYS B 14 9.39 -6.13 -33.89
CA LYS B 14 9.09 -6.16 -35.32
C LYS B 14 8.58 -7.54 -35.76
N ARG B 15 8.00 -8.28 -34.82
CA ARG B 15 7.36 -9.59 -35.06
C ARG B 15 8.28 -10.72 -35.52
N GLY B 16 9.58 -10.54 -35.38
CA GLY B 16 10.56 -11.58 -35.72
C GLY B 16 10.52 -12.75 -34.75
N ILE B 17 10.60 -13.97 -35.28
CA ILE B 17 10.45 -15.18 -34.46
C ILE B 17 11.58 -16.20 -34.61
N GLY B 18 12.22 -16.23 -35.77
CA GLY B 18 13.28 -17.19 -36.05
C GLY B 18 14.30 -16.73 -37.07
N ILE B 19 15.47 -17.36 -37.04
CA ILE B 19 16.52 -17.15 -38.04
C ILE B 19 17.39 -18.40 -38.19
N ASN B 20 17.80 -18.70 -39.42
CA ASN B 20 18.58 -19.91 -39.72
C ASN B 20 18.01 -21.17 -39.07
N ASN B 21 16.68 -21.27 -39.09
CA ASN B 21 15.94 -22.31 -38.40
C ASN B 21 16.38 -22.51 -36.94
N GLY B 22 16.42 -21.39 -36.21
CA GLY B 22 16.77 -21.37 -34.79
C GLY B 22 16.27 -20.10 -34.16
N LEU B 23 16.37 -20.01 -32.83
CA LEU B 23 15.91 -18.83 -32.11
C LEU B 23 16.89 -17.67 -32.28
N PRO B 24 16.36 -16.47 -32.56
CA PRO B 24 17.17 -15.28 -32.85
C PRO B 24 17.86 -14.71 -31.61
N TRP B 25 17.44 -15.18 -30.44
CA TRP B 25 17.96 -14.71 -29.16
C TRP B 25 18.75 -15.79 -28.42
N PRO B 26 19.56 -15.39 -27.42
CA PRO B 26 20.09 -16.37 -26.49
C PRO B 26 18.97 -17.01 -25.68
N HIS B 27 19.21 -18.19 -25.14
CA HIS B 27 18.19 -18.96 -24.42
C HIS B 27 17.44 -18.11 -23.39
N LEU B 28 16.11 -18.24 -23.41
CA LEU B 28 15.27 -17.50 -22.47
C LEU B 28 14.60 -18.48 -21.52
N THR B 29 15.30 -18.78 -20.44
CA THR B 29 14.91 -19.81 -19.48
C THR B 29 13.51 -19.61 -18.89
N THR B 30 13.16 -18.37 -18.57
CA THR B 30 11.84 -18.09 -17.99
C THR B 30 10.73 -18.16 -19.03
N ASP B 31 11.11 -17.99 -20.30
CA ASP B 31 10.16 -18.11 -21.40
C ASP B 31 9.85 -19.59 -21.66
N PHE B 32 10.87 -20.43 -21.56
CA PHE B 32 10.73 -21.86 -21.78
C PHE B 32 9.94 -22.53 -20.66
N LYS B 33 10.24 -22.12 -19.43
CA LYS B 33 9.49 -22.58 -18.26
C LYS B 33 8.01 -22.22 -18.38
N HIS B 34 7.74 -20.99 -18.84
CA HIS B 34 6.39 -20.50 -19.10
C HIS B 34 5.71 -21.29 -20.22
N PHE B 35 6.46 -21.59 -21.26
CA PHE B 35 5.98 -22.43 -22.36
C PHE B 35 5.62 -23.82 -21.84
N SER B 36 6.55 -24.40 -21.09
CA SER B 36 6.41 -25.75 -20.54
C SER B 36 5.16 -25.88 -19.68
N ARG B 37 4.89 -24.85 -18.88
CA ARG B 37 3.76 -24.87 -17.96
C ARG B 37 2.42 -24.74 -18.68
N VAL B 38 2.33 -23.75 -19.57
CA VAL B 38 1.09 -23.48 -20.32
C VAL B 38 0.66 -24.69 -21.14
N THR B 39 1.62 -25.29 -21.84
CA THR B 39 1.34 -26.41 -22.74
C THR B 39 1.01 -27.72 -22.02
N LYS B 40 1.35 -27.81 -20.74
CA LYS B 40 1.14 -29.04 -19.99
C LYS B 40 -0.07 -29.03 -19.07
N THR B 41 -0.19 -27.99 -18.25
CA THR B 41 -1.15 -27.97 -17.14
C THR B 41 -2.63 -28.08 -17.54
N THR B 42 -3.40 -28.69 -16.63
CA THR B 42 -4.81 -29.01 -16.85
C THR B 42 -5.52 -29.04 -15.49
N PRO B 43 -6.75 -28.49 -15.41
CA PRO B 43 -7.55 -28.56 -14.18
C PRO B 43 -7.97 -29.99 -13.80
N ALA B 46 -7.64 -33.63 -15.22
CA ALA B 46 -7.49 -34.87 -14.46
C ALA B 46 -7.26 -36.07 -15.38
N SER B 47 -8.26 -36.38 -16.21
CA SER B 47 -8.15 -37.48 -17.17
C SER B 47 -7.58 -37.07 -18.54
N ARG B 48 -7.55 -35.74 -18.86
CA ARG B 48 -7.12 -35.23 -20.22
C ARG B 48 -5.57 -34.74 -20.29
N PHE B 49 -4.52 -35.17 -21.41
CA PHE B 49 -3.37 -34.50 -21.85
C PHE B 49 -3.50 -33.41 -22.98
N ASN B 50 -2.57 -32.44 -23.12
CA ASN B 50 -2.70 -31.41 -24.19
C ASN B 50 -2.06 -31.81 -25.54
N ALA B 51 -2.28 -31.00 -26.57
CA ALA B 51 -1.72 -31.26 -27.91
C ALA B 51 -0.85 -30.11 -28.41
N VAL B 52 0.33 -30.45 -28.92
CA VAL B 52 1.27 -29.45 -29.44
C VAL B 52 1.47 -29.59 -30.96
N VAL B 53 0.75 -28.77 -31.72
CA VAL B 53 0.82 -28.81 -33.18
C VAL B 53 1.96 -27.92 -33.66
N MET B 54 2.88 -28.51 -34.43
CA MET B 54 4.05 -27.78 -34.94
C MET B 54 4.35 -28.11 -36.41
N GLY B 55 5.15 -27.27 -37.05
CA GLY B 55 5.58 -27.52 -38.43
C GLY B 55 6.78 -28.44 -38.48
N ARG B 56 7.19 -28.83 -39.68
CA ARG B 56 8.39 -29.64 -39.87
C ARG B 56 9.63 -28.89 -39.41
N LYS B 57 9.81 -27.68 -39.96
CA LYS B 57 10.96 -26.84 -39.65
C LYS B 57 11.08 -26.56 -38.15
N THR B 58 9.94 -26.41 -37.49
CA THR B 58 9.88 -26.22 -36.03
C THR B 58 10.27 -27.51 -35.30
N TRP B 59 9.69 -28.63 -35.73
CA TRP B 59 10.03 -29.95 -35.15
C TRP B 59 11.53 -30.21 -35.27
N GLU B 60 12.07 -29.99 -36.48
CA GLU B 60 13.49 -30.22 -36.76
C GLU B 60 14.42 -29.33 -35.93
N SER B 61 14.03 -28.06 -35.75
CA SER B 61 14.86 -27.07 -35.04
C SER B 61 15.05 -27.41 -33.56
N MET B 62 14.15 -28.23 -33.03
CA MET B 62 14.24 -28.72 -31.66
C MET B 62 15.48 -29.59 -31.46
N PRO B 63 16.06 -29.58 -30.25
CA PRO B 63 17.07 -30.57 -29.92
C PRO B 63 16.44 -31.95 -29.86
N ARG B 64 17.22 -32.97 -30.21
CA ARG B 64 16.76 -34.36 -30.19
C ARG B 64 16.33 -34.80 -28.78
N LYS B 65 17.01 -34.25 -27.77
CA LYS B 65 16.74 -34.55 -26.35
C LYS B 65 15.31 -34.22 -25.93
N PHE B 66 14.81 -33.09 -26.41
CA PHE B 66 13.52 -32.54 -25.97
C PHE B 66 12.32 -33.02 -26.77
N ARG B 67 12.57 -33.52 -27.97
CA ARG B 67 11.52 -34.08 -28.82
C ARG B 67 11.43 -35.61 -28.69
N PRO B 68 10.20 -36.14 -28.55
CA PRO B 68 8.95 -35.39 -28.52
C PRO B 68 8.74 -34.69 -27.19
N LEU B 69 8.05 -33.55 -27.22
CA LEU B 69 7.72 -32.81 -26.01
C LEU B 69 6.85 -33.67 -25.09
N VAL B 70 7.46 -34.13 -24.00
CA VAL B 70 6.84 -35.05 -23.05
C VAL B 70 5.48 -34.57 -22.53
N ASP B 71 4.62 -35.54 -22.23
CA ASP B 71 3.29 -35.30 -21.62
C ASP B 71 2.31 -34.55 -22.52
N ARG B 72 2.64 -34.46 -23.80
CA ARG B 72 1.82 -33.72 -24.76
C ARG B 72 1.79 -34.44 -26.11
N LEU B 73 0.61 -34.50 -26.72
CA LEU B 73 0.45 -35.12 -28.03
C LEU B 73 1.15 -34.27 -29.10
N ASN B 74 2.27 -34.79 -29.59
CA ASN B 74 3.05 -34.08 -30.61
C ASN B 74 2.47 -34.32 -32.00
N ILE B 75 2.01 -33.24 -32.64
CA ILE B 75 1.52 -33.32 -34.02
C ILE B 75 2.37 -32.41 -34.92
N VAL B 76 2.94 -33.00 -35.96
CA VAL B 76 3.76 -32.24 -36.90
C VAL B 76 3.03 -32.12 -38.24
N VAL B 77 2.88 -30.90 -38.72
CA VAL B 77 2.27 -30.66 -40.03
C VAL B 77 3.38 -30.68 -41.09
N SER B 78 3.32 -31.68 -41.97
CA SER B 78 4.35 -31.92 -42.97
C SER B 78 3.85 -32.79 -44.11
N SER B 79 4.37 -32.53 -45.31
CA SER B 79 4.14 -33.38 -46.47
C SER B 79 5.32 -34.33 -46.70
N SER B 80 6.54 -33.82 -46.56
CA SER B 80 7.75 -34.57 -46.89
C SER B 80 8.17 -35.61 -45.86
N LEU B 81 8.05 -35.28 -44.57
CA LEU B 81 8.39 -36.22 -43.49
C LEU B 81 7.35 -37.33 -43.36
N LYS B 82 7.83 -38.54 -43.10
CA LYS B 82 6.99 -39.72 -42.92
C LYS B 82 6.86 -40.07 -41.43
N GLU B 83 5.78 -40.76 -41.08
CA GLU B 83 5.47 -41.12 -39.69
C GLU B 83 6.50 -42.06 -39.06
N GLU B 84 7.30 -42.71 -39.90
CA GLU B 84 8.26 -43.72 -39.43
C GLU B 84 9.70 -43.22 -39.36
N ASP B 85 10.02 -42.21 -40.18
CA ASP B 85 11.32 -41.56 -40.12
C ASP B 85 11.53 -40.90 -38.76
N ILE B 86 10.46 -40.32 -38.24
CA ILE B 86 10.42 -39.75 -36.88
C ILE B 86 10.47 -40.85 -35.83
N ALA B 87 9.88 -42.01 -36.15
CA ALA B 87 9.93 -43.18 -35.28
C ALA B 87 11.32 -43.83 -35.27
N ALA B 88 12.01 -43.73 -36.40
CA ALA B 88 13.37 -44.30 -36.55
C ALA B 88 14.46 -43.33 -36.07
N GLU B 89 14.05 -42.08 -35.82
CA GLU B 89 14.95 -41.04 -35.32
C GLU B 89 15.43 -41.34 -33.89
N LYS B 90 14.51 -41.81 -33.05
CA LYS B 90 14.81 -42.24 -31.68
C LYS B 90 13.75 -43.23 -31.18
N PRO B 91 14.17 -44.26 -30.43
CA PRO B 91 13.24 -45.19 -29.77
C PRO B 91 12.26 -44.45 -28.84
N GLN B 92 11.01 -44.86 -28.88
CA GLN B 92 9.96 -44.22 -28.09
C GLN B 92 9.94 -44.70 -26.65
N ALA B 93 9.87 -43.75 -25.73
CA ALA B 93 9.69 -44.04 -24.31
C ALA B 93 8.24 -44.38 -24.03
N GLU B 94 8.03 -45.32 -23.10
CA GLU B 94 6.70 -45.85 -22.79
C GLU B 94 5.87 -44.89 -21.94
N GLY B 95 4.65 -44.62 -22.39
CA GLY B 95 3.71 -43.74 -21.68
C GLY B 95 3.29 -42.49 -22.44
N GLN B 96 3.65 -42.45 -23.73
CA GLN B 96 3.42 -41.26 -24.56
C GLN B 96 2.80 -41.62 -25.91
N GLN B 97 1.88 -40.79 -26.40
CA GLN B 97 1.31 -40.94 -27.74
C GLN B 97 2.39 -40.70 -28.79
N ARG B 98 2.43 -41.54 -29.84
CA ARG B 98 3.41 -41.38 -30.90
C ARG B 98 3.11 -40.13 -31.76
N VAL B 99 4.18 -39.44 -32.14
CA VAL B 99 4.10 -38.19 -32.89
C VAL B 99 3.37 -38.40 -34.21
N ARG B 100 2.38 -37.54 -34.48
CA ARG B 100 1.53 -37.69 -35.66
C ARG B 100 1.79 -36.61 -36.71
N VAL B 101 1.70 -36.99 -37.99
CA VAL B 101 1.96 -36.09 -39.11
C VAL B 101 0.69 -35.88 -39.95
N CYS B 102 0.40 -34.62 -40.27
CA CYS B 102 -0.78 -34.27 -41.07
C CYS B 102 -0.41 -33.43 -42.30
N ALA B 103 -1.30 -33.43 -43.30
CA ALA B 103 -1.08 -32.71 -44.55
C ALA B 103 -1.01 -31.20 -44.34
N SER B 104 -2.11 -30.61 -43.89
CA SER B 104 -2.17 -29.19 -43.55
C SER B 104 -2.84 -28.99 -42.19
N LEU B 105 -2.92 -27.73 -41.76
CA LEU B 105 -3.50 -27.39 -40.45
C LEU B 105 -5.01 -27.68 -40.32
N PRO B 106 -5.80 -27.42 -41.38
CA PRO B 106 -7.21 -27.83 -41.32
C PRO B 106 -7.36 -29.34 -41.17
N ALA B 107 -6.48 -30.09 -41.82
CA ALA B 107 -6.43 -31.55 -41.68
C ALA B 107 -5.91 -31.96 -40.30
N ALA B 108 -5.07 -31.11 -39.70
CA ALA B 108 -4.44 -31.40 -38.42
C ALA B 108 -5.43 -31.41 -37.24
N LEU B 109 -6.39 -30.49 -37.28
CA LEU B 109 -7.41 -30.41 -36.23
C LEU B 109 -8.48 -31.47 -36.42
N SER B 110 -8.71 -31.85 -37.68
CA SER B 110 -9.65 -32.91 -38.04
C SER B 110 -9.25 -34.24 -37.39
N LEU B 111 -7.93 -34.46 -37.28
CA LEU B 111 -7.37 -35.64 -36.63
C LEU B 111 -7.80 -35.73 -35.16
N LEU B 112 -7.86 -34.58 -34.50
CA LEU B 112 -8.28 -34.50 -33.11
C LEU B 112 -9.79 -34.72 -32.96
N GLU B 113 -10.54 -34.27 -33.96
CA GLU B 113 -11.99 -34.51 -34.04
C GLU B 113 -12.32 -35.98 -34.21
N GLU B 114 -11.50 -36.68 -34.99
CA GLU B 114 -11.71 -38.10 -35.27
C GLU B 114 -11.28 -38.98 -34.09
N GLU B 115 -9.99 -38.96 -33.79
CA GLU B 115 -9.36 -39.98 -32.95
C GLU B 115 -9.17 -39.60 -31.48
N TYR B 116 -9.04 -38.30 -31.19
CA TYR B 116 -8.67 -37.85 -29.84
C TYR B 116 -9.76 -37.05 -29.12
N LYS B 117 -11.01 -37.20 -29.55
CA LYS B 117 -12.11 -36.34 -29.09
C LYS B 117 -12.35 -36.33 -27.57
N ASP B 118 -11.94 -37.40 -26.88
CA ASP B 118 -12.12 -37.53 -25.43
C ASP B 118 -10.87 -37.28 -24.61
N SER B 119 -9.71 -37.37 -25.26
CA SER B 119 -8.42 -37.37 -24.55
C SER B 119 -7.81 -35.97 -24.37
N VAL B 120 -7.92 -35.14 -25.39
CA VAL B 120 -7.26 -33.83 -25.39
C VAL B 120 -8.10 -32.72 -24.74
N ASP B 121 -7.41 -31.80 -24.06
CA ASP B 121 -8.07 -30.70 -23.35
C ASP B 121 -7.94 -29.38 -24.09
N GLN B 122 -6.73 -28.84 -24.14
CA GLN B 122 -6.44 -27.59 -24.83
C GLN B 122 -5.51 -27.85 -26.02
N ILE B 123 -5.66 -27.06 -27.07
CA ILE B 123 -4.88 -27.25 -28.29
C ILE B 123 -3.93 -26.07 -28.51
N PHE B 124 -2.64 -26.37 -28.67
CA PHE B 124 -1.61 -25.33 -28.80
C PHE B 124 -0.81 -25.43 -30.09
N VAL B 125 -0.87 -24.38 -30.90
CA VAL B 125 -0.03 -24.24 -32.09
C VAL B 125 1.27 -23.56 -31.68
N VAL B 126 2.37 -24.24 -31.92
CA VAL B 126 3.68 -23.88 -31.36
C VAL B 126 4.65 -23.24 -32.37
N GLY B 127 4.34 -23.39 -33.66
CA GLY B 127 5.17 -22.79 -34.71
C GLY B 127 5.15 -23.61 -35.99
N GLY B 128 5.62 -23.05 -37.10
CA GLY B 128 6.11 -21.67 -37.16
C GLY B 128 5.25 -20.79 -38.05
N ALA B 129 5.87 -19.85 -38.75
CA ALA B 129 5.16 -18.85 -39.58
C ALA B 129 4.14 -19.45 -40.55
N GLY B 130 4.39 -20.68 -40.98
CA GLY B 130 3.46 -21.42 -41.83
C GLY B 130 2.16 -21.76 -41.13
N LEU B 131 2.28 -22.34 -39.94
CA LEU B 131 1.11 -22.73 -39.15
C LEU B 131 0.44 -21.55 -38.45
N TYR B 132 1.22 -20.56 -38.03
CA TYR B 132 0.67 -19.35 -37.41
C TYR B 132 -0.19 -18.57 -38.39
N GLU B 133 0.34 -18.35 -39.60
CA GLU B 133 -0.39 -17.68 -40.67
C GLU B 133 -1.67 -18.44 -41.02
N ALA B 134 -1.55 -19.77 -41.14
CA ALA B 134 -2.70 -20.62 -41.45
C ALA B 134 -3.74 -20.63 -40.34
N ALA B 135 -3.30 -20.50 -39.09
CA ALA B 135 -4.19 -20.47 -37.93
C ALA B 135 -5.03 -19.20 -37.87
N LEU B 136 -4.38 -18.07 -38.13
CA LEU B 136 -5.05 -16.76 -38.13
C LEU B 136 -5.93 -16.57 -39.35
N SER B 137 -5.63 -17.32 -40.42
CA SER B 137 -6.44 -17.30 -41.64
C SER B 137 -7.81 -17.92 -41.37
N LEU B 138 -7.80 -19.10 -40.75
CA LEU B 138 -9.02 -19.82 -40.42
C LEU B 138 -9.74 -19.23 -39.21
N GLY B 139 -9.03 -18.38 -38.45
CA GLY B 139 -9.62 -17.63 -37.35
C GLY B 139 -10.09 -18.46 -36.16
N VAL B 140 -9.63 -19.72 -36.10
CA VAL B 140 -10.02 -20.65 -35.04
C VAL B 140 -9.25 -20.41 -33.73
N ALA B 141 -8.36 -19.43 -33.74
CA ALA B 141 -7.60 -19.02 -32.57
C ALA B 141 -8.45 -18.16 -31.64
N SER B 142 -8.75 -18.70 -30.47
CA SER B 142 -9.50 -17.97 -29.45
C SER B 142 -8.56 -17.09 -28.62
N HIS B 143 -7.32 -17.56 -28.44
CA HIS B 143 -6.35 -16.87 -27.60
C HIS B 143 -4.93 -16.91 -28.12
N LEU B 144 -4.17 -15.86 -27.81
CA LEU B 144 -2.76 -15.78 -28.18
C LEU B 144 -1.92 -15.56 -26.93
N TYR B 145 -1.03 -16.50 -26.63
CA TYR B 145 -0.08 -16.36 -25.55
C TYR B 145 1.22 -15.85 -26.15
N ILE B 146 1.47 -14.55 -25.99
CA ILE B 146 2.63 -13.93 -26.61
C ILE B 146 3.69 -13.50 -25.62
N THR B 147 4.91 -13.99 -25.83
CA THR B 147 6.08 -13.48 -25.12
C THR B 147 6.69 -12.37 -25.96
N ARG B 148 6.58 -11.14 -25.46
CA ARG B 148 7.12 -9.99 -26.16
C ARG B 148 8.57 -9.79 -25.76
N VAL B 149 9.48 -10.20 -26.64
CA VAL B 149 10.90 -9.88 -26.46
C VAL B 149 11.05 -8.40 -26.76
N ALA B 150 11.60 -7.67 -25.79
CA ALA B 150 11.74 -6.22 -25.89
C ALA B 150 12.85 -5.81 -26.84
N ARG B 151 13.92 -6.59 -26.86
CA ARG B 151 15.03 -6.37 -27.78
C ARG B 151 14.69 -6.80 -29.18
N GLU B 152 15.26 -6.10 -30.14
CA GLU B 152 15.15 -6.48 -31.54
C GLU B 152 16.31 -7.40 -31.92
N PHE B 153 15.99 -8.41 -32.72
CA PHE B 153 16.98 -9.37 -33.18
C PHE B 153 16.85 -9.62 -34.69
N PRO B 154 17.95 -10.00 -35.35
CA PRO B 154 17.93 -10.33 -36.78
C PRO B 154 17.08 -11.57 -37.02
N CYS B 155 16.08 -11.46 -37.88
CA CYS B 155 15.16 -12.57 -38.13
C CYS B 155 14.86 -12.71 -39.62
N ASP B 156 14.63 -13.95 -40.06
CA ASP B 156 14.20 -14.21 -41.43
C ASP B 156 12.77 -14.75 -41.51
N VAL B 157 12.31 -15.34 -40.40
CA VAL B 157 10.96 -15.87 -40.28
C VAL B 157 10.18 -14.95 -39.33
N PHE B 158 8.97 -14.56 -39.74
CA PHE B 158 8.18 -13.56 -39.01
C PHE B 158 6.75 -14.00 -38.70
N PHE B 159 6.26 -13.61 -37.54
CA PHE B 159 4.87 -13.84 -37.15
C PHE B 159 3.98 -12.82 -37.86
N PRO B 160 2.87 -13.28 -38.47
CA PRO B 160 1.99 -12.40 -39.25
C PRO B 160 1.39 -11.26 -38.42
N ALA B 161 1.29 -10.08 -39.03
CA ALA B 161 0.67 -8.92 -38.39
C ALA B 161 -0.83 -9.14 -38.26
N PHE B 162 -1.43 -8.57 -37.21
CA PHE B 162 -2.83 -8.82 -36.87
C PHE B 162 -3.48 -7.58 -36.23
N PRO B 163 -4.81 -7.45 -36.36
CA PRO B 163 -5.53 -6.34 -35.72
C PRO B 163 -5.25 -6.27 -34.22
N GLY B 164 -4.72 -5.14 -33.78
CA GLY B 164 -4.36 -4.96 -32.39
C GLY B 164 -2.99 -5.54 -32.09
N ASP B 165 -2.06 -5.37 -33.02
CA ASP B 165 -0.66 -5.69 -32.78
C ASP B 165 0.10 -4.44 -32.31
N ASP B 166 -0.66 -3.45 -31.86
CA ASP B 166 -0.10 -2.22 -31.28
C ASP B 166 0.60 -2.49 -29.95
N ILE B 167 0.30 -3.64 -29.35
CA ILE B 167 0.95 -4.10 -28.11
C ILE B 167 2.44 -4.43 -28.28
N LEU B 168 2.90 -4.53 -29.52
CA LEU B 168 4.31 -4.85 -29.82
C LEU B 168 5.11 -3.58 -30.08
N SER B 169 4.68 -2.82 -31.09
CA SER B 169 5.30 -1.55 -31.44
C SER B 169 4.24 -0.56 -31.94
N ASN B 170 4.65 0.68 -32.12
CA ASN B 170 3.75 1.71 -32.62
C ASN B 170 3.46 1.54 -34.11
N LYS B 171 2.26 1.93 -34.52
CA LYS B 171 1.85 1.85 -35.92
C LYS B 171 1.71 3.24 -36.54
N ALA B 181 -12.99 -8.60 -36.62
CA ALA B 181 -12.12 -9.48 -35.85
C ALA B 181 -10.88 -8.73 -35.36
N THR B 182 -10.71 -8.67 -34.05
CA THR B 182 -9.57 -7.98 -33.44
C THR B 182 -9.06 -8.72 -32.19
N TYR B 183 -7.81 -8.43 -31.81
CA TYR B 183 -7.20 -9.07 -30.66
C TYR B 183 -6.86 -8.07 -29.57
N ARG B 184 -7.53 -8.22 -28.43
CA ARG B 184 -7.32 -7.35 -27.27
C ARG B 184 -6.57 -8.08 -26.15
N PRO B 185 -5.59 -7.41 -25.53
CA PRO B 185 -4.88 -7.94 -24.36
C PRO B 185 -5.77 -8.06 -23.11
N ILE B 186 -5.63 -9.18 -22.42
CA ILE B 186 -6.43 -9.47 -21.22
C ILE B 186 -5.51 -9.73 -20.01
N PHE B 187 -4.22 -9.85 -20.30
CA PHE B 187 -3.22 -10.23 -19.32
C PHE B 187 -1.90 -9.60 -19.74
N ILE B 188 -1.25 -8.91 -18.80
CA ILE B 188 0.11 -8.42 -19.02
C ILE B 188 0.94 -8.71 -17.76
N SER B 189 2.01 -9.48 -17.93
CA SER B 189 2.87 -9.84 -16.81
C SER B 189 3.94 -8.79 -16.53
N LYS B 190 4.59 -8.89 -15.39
CA LYS B 190 5.75 -8.06 -15.08
C LYS B 190 6.91 -8.42 -15.99
N THR B 191 7.91 -7.55 -16.06
CA THR B 191 9.03 -7.72 -16.96
C THR B 191 10.10 -8.66 -16.40
N PHE B 192 10.40 -9.70 -17.16
CA PHE B 192 11.46 -10.67 -16.85
C PHE B 192 12.64 -10.45 -17.77
N SER B 193 13.79 -11.02 -17.42
CA SER B 193 15.00 -10.89 -18.23
C SER B 193 15.94 -12.09 -18.12
N ASP B 194 16.54 -12.45 -19.24
CA ASP B 194 17.55 -13.51 -19.30
C ASP B 194 18.59 -13.20 -20.37
N ASN B 195 19.87 -13.30 -19.99
CA ASN B 195 21.01 -13.02 -20.86
C ASN B 195 21.02 -11.61 -21.44
N GLY B 196 20.56 -10.65 -20.63
CA GLY B 196 20.46 -9.27 -21.06
C GLY B 196 19.39 -9.06 -22.11
N VAL B 197 18.37 -9.92 -22.07
CA VAL B 197 17.21 -9.80 -22.96
C VAL B 197 15.92 -9.64 -22.15
N PRO B 198 15.31 -8.44 -22.19
CA PRO B 198 14.07 -8.21 -21.46
C PRO B 198 12.86 -8.72 -22.23
N TYR B 199 11.88 -9.25 -21.51
CA TYR B 199 10.64 -9.73 -22.08
C TYR B 199 9.54 -9.86 -21.04
N ASP B 200 8.29 -9.95 -21.51
CA ASP B 200 7.17 -10.26 -20.64
C ASP B 200 6.11 -11.06 -21.38
N PHE B 201 5.16 -11.61 -20.62
CA PHE B 201 4.14 -12.49 -21.17
C PHE B 201 2.80 -11.79 -21.23
N VAL B 202 2.15 -11.89 -22.38
CA VAL B 202 0.77 -11.43 -22.51
C VAL B 202 -0.11 -12.53 -23.08
N VAL B 203 -1.40 -12.44 -22.78
CA VAL B 203 -2.39 -13.26 -23.45
C VAL B 203 -3.39 -12.31 -24.10
N LEU B 204 -3.86 -12.67 -25.29
CA LEU B 204 -4.80 -11.83 -26.01
C LEU B 204 -6.03 -12.63 -26.40
N GLU B 205 -7.18 -11.97 -26.37
CA GLU B 205 -8.46 -12.61 -26.66
C GLU B 205 -9.00 -12.14 -28.00
N LYS B 206 -9.58 -13.08 -28.75
CA LYS B 206 -10.32 -12.76 -29.97
C LYS B 206 -11.66 -12.14 -29.55
N ARG B 207 -11.77 -10.82 -29.70
CA ARG B 207 -12.86 -10.06 -29.07
C ARG B 207 -14.01 -9.58 -29.96
N ARG B 208 -13.67 -9.11 -31.17
CA ARG B 208 -14.66 -8.48 -32.06
C ARG B 208 -15.30 -7.25 -31.38
N SER B 241 -24.12 -20.24 5.11
CA SER B 241 -24.41 -18.89 5.59
C SER B 241 -23.28 -18.33 6.46
N SER B 242 -22.06 -18.83 6.23
CA SER B 242 -20.87 -18.36 6.96
C SER B 242 -20.51 -16.92 6.60
N ALA B 243 -20.88 -16.50 5.39
CA ALA B 243 -20.62 -15.14 4.91
C ALA B 243 -21.90 -14.38 4.57
N ALA B 244 -23.03 -15.09 4.58
CA ALA B 244 -24.35 -14.47 4.37
C ALA B 244 -24.73 -13.60 5.56
N ALA B 245 -24.19 -13.95 6.72
CA ALA B 245 -24.40 -13.20 7.96
C ALA B 245 -23.67 -11.85 7.94
N ILE B 246 -22.45 -11.85 7.42
CA ILE B 246 -21.60 -10.65 7.35
C ILE B 246 -22.15 -9.59 6.37
N ALA B 247 -22.75 -10.06 5.29
CA ALA B 247 -23.11 -9.21 4.13
C ALA B 247 -23.94 -7.93 4.39
N PRO B 248 -25.07 -8.02 5.12
CA PRO B 248 -25.90 -6.81 5.25
C PRO B 248 -25.22 -5.69 6.03
N VAL B 249 -24.28 -6.05 6.90
CA VAL B 249 -23.46 -5.08 7.64
C VAL B 249 -22.58 -4.31 6.66
N LEU B 250 -22.09 -5.00 5.63
CA LEU B 250 -21.32 -4.37 4.56
C LEU B 250 -22.19 -3.53 3.63
N ALA B 251 -23.43 -3.99 3.39
CA ALA B 251 -24.34 -3.34 2.44
C ALA B 251 -24.71 -1.93 2.85
N TRP B 252 -25.09 -1.77 4.11
CA TRP B 252 -25.41 -0.45 4.64
C TRP B 252 -24.16 0.39 4.81
N MET B 253 -23.03 -0.29 4.99
CA MET B 253 -21.78 0.38 5.37
C MET B 253 -21.25 1.37 4.35
N ASP B 254 -21.61 1.21 3.09
CA ASP B 254 -21.14 2.11 2.04
C ASP B 254 -21.98 3.37 2.02
N GLU B 255 -23.17 3.26 1.44
CA GLU B 255 -24.14 4.35 1.43
C GLU B 255 -23.55 5.68 0.93
N GLU B 256 -22.68 5.59 -0.07
CA GLU B 256 -22.04 6.75 -0.65
C GLU B 256 -22.56 6.93 -2.08
N LEU B 266 -14.96 6.25 -11.80
CA LEU B 266 -15.41 6.80 -13.07
C LEU B 266 -14.46 6.41 -14.22
N ILE B 267 -13.15 6.49 -13.96
CA ILE B 267 -12.11 6.25 -14.98
C ILE B 267 -11.17 5.12 -14.54
N ARG B 268 -10.83 4.21 -15.43
CA ARG B 268 -9.93 3.10 -15.10
C ARG B 268 -8.85 2.94 -16.13
N ALA B 269 -7.75 2.33 -15.73
CA ALA B 269 -6.63 2.18 -16.60
C ALA B 269 -6.75 0.92 -17.37
N VAL B 270 -6.97 1.03 -18.67
CA VAL B 270 -6.96 -0.16 -19.49
C VAL B 270 -7.93 -1.16 -18.93
N PRO B 271 -9.27 -0.90 -19.20
CA PRO B 271 -10.21 -1.73 -18.47
C PRO B 271 -10.04 -3.17 -18.78
N HIS B 272 -9.78 -3.52 -20.01
CA HIS B 272 -9.89 -4.91 -20.44
C HIS B 272 -8.97 -5.81 -19.70
N VAL B 273 -7.77 -5.34 -19.55
CA VAL B 273 -6.70 -6.10 -18.92
C VAL B 273 -7.08 -6.45 -17.48
N HIS B 274 -7.40 -7.71 -17.24
CA HIS B 274 -7.88 -8.17 -15.94
C HIS B 274 -6.77 -8.61 -15.00
N PHE B 275 -5.85 -9.46 -15.46
CA PHE B 275 -4.64 -9.71 -14.69
C PHE B 275 -3.50 -8.80 -15.13
N ARG B 276 -3.06 -7.98 -14.19
CA ARG B 276 -2.24 -6.82 -14.47
C ARG B 276 -0.89 -6.90 -13.78
N GLY B 277 -0.12 -7.94 -14.10
CA GLY B 277 1.20 -8.14 -13.51
C GLY B 277 2.20 -7.02 -13.74
N HIS B 278 2.05 -6.28 -14.85
CA HIS B 278 3.01 -5.23 -15.21
C HIS B 278 3.09 -4.16 -14.13
N GLU B 279 4.31 -3.78 -13.76
CA GLU B 279 4.55 -2.86 -12.65
C GLU B 279 4.11 -1.42 -12.93
N GLU B 280 4.04 -1.06 -14.22
CA GLU B 280 3.57 0.26 -14.64
C GLU B 280 2.12 0.50 -14.23
N PHE B 281 1.35 -0.58 -14.12
CA PHE B 281 -0.05 -0.50 -13.71
C PHE B 281 -0.23 0.31 -12.43
N GLN B 282 0.77 0.25 -11.55
CA GLN B 282 0.81 1.09 -10.36
C GLN B 282 0.60 2.55 -10.73
N TYR B 283 1.48 3.06 -11.59
CA TYR B 283 1.46 4.45 -12.03
C TYR B 283 0.16 4.83 -12.73
N LEU B 284 -0.33 3.95 -13.59
CA LEU B 284 -1.59 4.15 -14.31
C LEU B 284 -2.80 4.21 -13.37
N ASP B 285 -2.89 3.22 -12.48
CA ASP B 285 -3.96 3.18 -11.49
C ASP B 285 -3.83 4.35 -10.53
N LEU B 286 -2.62 4.88 -10.40
CA LEU B 286 -2.36 6.03 -9.54
C LEU B 286 -2.90 7.31 -10.20
N ILE B 287 -2.75 7.40 -11.53
CA ILE B 287 -3.35 8.49 -12.31
C ILE B 287 -4.87 8.41 -12.20
N ALA B 288 -5.43 7.26 -12.56
CA ALA B 288 -6.87 7.02 -12.52
C ALA B 288 -7.50 7.35 -11.16
N ASP B 289 -6.80 6.97 -10.09
CA ASP B 289 -7.27 7.18 -8.71
C ASP B 289 -7.42 8.67 -8.35
N ILE B 290 -6.43 9.48 -8.73
CA ILE B 290 -6.47 10.92 -8.45
C ILE B 290 -7.54 11.59 -9.31
N ILE B 291 -7.73 11.07 -10.52
CA ILE B 291 -8.79 11.54 -11.40
C ILE B 291 -10.17 11.12 -10.86
N ASN B 292 -10.25 9.95 -10.24
CA ASN B 292 -11.51 9.51 -9.65
C ASN B 292 -11.77 10.05 -8.25
N ASN B 293 -10.76 10.06 -7.39
CA ASN B 293 -10.97 10.30 -5.96
C ASN B 293 -10.18 11.48 -5.36
N GLY B 294 -9.46 12.22 -6.20
CA GLY B 294 -8.67 13.37 -5.75
C GLY B 294 -9.52 14.60 -5.44
N ARG B 295 -8.87 15.66 -4.99
CA ARG B 295 -9.56 16.90 -4.62
C ARG B 295 -9.11 18.09 -5.46
N THR B 296 -10.08 18.83 -5.99
CA THR B 296 -9.83 20.02 -6.82
C THR B 296 -9.23 21.15 -5.96
N MET B 297 -8.03 21.58 -6.32
CA MET B 297 -7.28 22.55 -5.52
C MET B 297 -6.74 23.73 -6.33
N ASP B 298 -6.43 24.82 -5.63
CA ASP B 298 -5.68 25.92 -6.20
C ASP B 298 -4.19 25.72 -5.96
N ASP B 299 -3.38 26.72 -6.33
CA ASP B 299 -1.94 26.50 -6.44
C ASP B 299 -1.12 27.79 -6.35
N ARG B 300 0.17 27.61 -6.06
CA ARG B 300 1.16 28.67 -6.22
C ARG B 300 1.23 29.08 -7.69
N THR B 301 1.22 28.09 -8.59
CA THR B 301 1.38 28.30 -10.04
C THR B 301 0.20 29.04 -10.69
N GLY B 302 -0.98 28.90 -10.10
CA GLY B 302 -2.19 29.52 -10.65
C GLY B 302 -3.01 28.56 -11.51
N VAL B 303 -2.40 27.43 -11.88
CA VAL B 303 -3.10 26.36 -12.59
C VAL B 303 -3.77 25.46 -11.55
N GLY B 304 -5.04 25.11 -11.79
CA GLY B 304 -5.78 24.21 -10.92
C GLY B 304 -5.16 22.83 -10.81
N VAL B 305 -5.36 22.18 -9.66
CA VAL B 305 -4.76 20.87 -9.38
C VAL B 305 -5.78 19.90 -8.78
N ILE B 306 -5.64 18.61 -9.11
CA ILE B 306 -6.39 17.55 -8.44
C ILE B 306 -5.38 16.72 -7.65
N SER B 307 -5.49 16.74 -6.33
CA SER B 307 -4.44 16.18 -5.47
C SER B 307 -4.91 15.15 -4.48
N LYS B 308 -4.06 14.15 -4.26
CA LYS B 308 -4.21 13.16 -3.20
C LYS B 308 -2.95 13.14 -2.34
N PHE B 309 -3.11 12.81 -1.06
CA PHE B 309 -2.01 12.87 -0.11
C PHE B 309 -1.68 11.47 0.36
N GLY B 310 -0.40 11.12 0.34
CA GLY B 310 0.06 9.81 0.76
C GLY B 310 -0.07 8.76 -0.32
N CYS B 311 1.01 8.55 -1.07
CA CYS B 311 1.01 7.65 -2.21
C CYS B 311 2.30 6.85 -2.34
N THR B 312 2.14 5.59 -2.73
CA THR B 312 3.23 4.64 -2.69
C THR B 312 3.34 3.82 -3.97
N MET B 313 4.53 3.77 -4.52
CA MET B 313 4.84 2.87 -5.63
C MET B 313 6.16 2.17 -5.40
N ARG B 314 6.25 0.91 -5.82
CA ARG B 314 7.52 0.21 -5.79
C ARG B 314 7.79 -0.61 -7.05
N TYR B 315 9.05 -0.63 -7.45
CA TYR B 315 9.46 -1.23 -8.72
C TYR B 315 10.69 -2.12 -8.52
N SER B 316 10.68 -3.27 -9.17
CA SER B 316 11.79 -4.22 -9.13
C SER B 316 12.97 -3.72 -9.96
N LEU B 317 14.18 -4.00 -9.51
CA LEU B 317 15.39 -3.62 -10.23
C LEU B 317 16.22 -4.82 -10.69
N ASP B 318 15.89 -5.99 -10.18
CA ASP B 318 16.65 -7.21 -10.42
C ASP B 318 16.56 -7.73 -11.86
N GLN B 319 15.37 -7.66 -12.44
CA GLN B 319 15.12 -8.17 -13.79
C GLN B 319 15.33 -7.09 -14.86
N ALA B 320 14.60 -5.98 -14.75
CA ALA B 320 14.65 -4.90 -15.73
C ALA B 320 14.65 -3.51 -15.08
N PHE B 321 14.51 -2.47 -15.90
CA PHE B 321 14.51 -1.09 -15.41
C PHE B 321 13.15 -0.42 -15.63
N PRO B 322 12.60 0.22 -14.59
CA PRO B 322 11.27 0.84 -14.68
C PRO B 322 11.27 2.16 -15.46
N LEU B 323 11.75 2.13 -16.69
CA LEU B 323 11.58 3.25 -17.60
C LEU B 323 10.22 3.09 -18.25
N LEU B 324 9.26 3.86 -17.74
CA LEU B 324 7.84 3.74 -18.11
C LEU B 324 7.61 3.74 -19.62
N THR B 325 6.63 2.96 -20.07
CA THR B 325 6.44 2.72 -21.50
C THR B 325 5.22 3.38 -22.13
N THR B 326 4.25 3.78 -21.30
CA THR B 326 2.99 4.36 -21.78
C THR B 326 3.16 5.75 -22.44
N LYS B 327 4.29 6.39 -22.18
CA LYS B 327 4.77 7.54 -22.95
C LYS B 327 6.28 7.59 -22.86
N ARG B 328 6.93 7.98 -23.95
CA ARG B 328 8.39 8.06 -23.98
C ARG B 328 8.89 8.96 -22.88
N VAL B 329 9.84 8.44 -22.10
CA VAL B 329 10.46 9.19 -21.02
C VAL B 329 11.78 9.77 -21.52
N PHE B 330 11.98 11.06 -21.24
CA PHE B 330 13.18 11.78 -21.63
C PHE B 330 14.39 11.29 -20.83
N TRP B 331 14.86 10.09 -21.17
CA TRP B 331 15.92 9.43 -20.41
C TRP B 331 17.24 10.20 -20.44
N LYS B 332 17.54 10.84 -21.57
CA LYS B 332 18.69 11.71 -21.68
C LYS B 332 18.65 12.75 -20.56
N GLY B 333 17.44 13.18 -20.22
CA GLY B 333 17.22 14.09 -19.10
C GLY B 333 17.57 13.49 -17.76
N VAL B 334 16.95 12.34 -17.44
CA VAL B 334 17.14 11.72 -16.13
C VAL B 334 18.60 11.36 -15.88
N LEU B 335 19.33 11.07 -16.96
CA LEU B 335 20.75 10.74 -16.87
C LEU B 335 21.58 11.99 -16.65
N GLU B 336 21.39 12.99 -17.51
CA GLU B 336 22.20 14.18 -17.46
C GLU B 336 21.92 14.98 -16.19
N GLU B 337 20.69 14.91 -15.69
CA GLU B 337 20.30 15.61 -14.47
C GLU B 337 20.84 14.92 -13.22
N LEU B 338 20.91 13.59 -13.27
CA LEU B 338 21.41 12.82 -12.12
C LEU B 338 22.90 13.01 -11.93
N LEU B 339 23.63 12.97 -13.05
CA LEU B 339 25.07 13.20 -13.04
C LEU B 339 25.35 14.61 -12.56
N TRP B 340 24.46 15.52 -12.93
CA TRP B 340 24.46 16.91 -12.50
C TRP B 340 24.33 16.98 -10.99
N PHE B 341 23.36 16.24 -10.45
CA PHE B 341 23.13 16.16 -9.01
C PHE B 341 24.35 15.62 -8.28
N ILE B 342 24.86 14.50 -8.78
CA ILE B 342 26.00 13.83 -8.15
C ILE B 342 27.21 14.75 -8.07
N ARG B 343 27.46 15.50 -9.14
CA ARG B 343 28.53 16.50 -9.17
C ARG B 343 28.32 17.58 -8.12
N GLY B 344 27.09 17.71 -7.64
CA GLY B 344 26.73 18.79 -6.73
C GLY B 344 26.73 20.10 -7.50
N ASP B 345 26.38 20.01 -8.78
CA ASP B 345 26.32 21.17 -9.66
C ASP B 345 25.00 21.89 -9.46
N THR B 346 25.08 23.22 -9.37
CA THR B 346 23.89 24.06 -9.15
C THR B 346 23.68 25.04 -10.31
N ASN B 347 24.46 24.87 -11.37
CA ASN B 347 24.35 25.66 -12.58
C ASN B 347 23.46 24.93 -13.59
N ALA B 348 22.29 25.49 -13.87
CA ALA B 348 21.33 24.86 -14.78
C ALA B 348 21.67 25.07 -16.26
N ASN B 349 22.63 25.96 -16.54
CA ASN B 349 23.11 26.17 -17.90
C ASN B 349 23.88 24.96 -18.41
N HIS B 350 24.65 24.34 -17.52
CA HIS B 350 25.39 23.12 -17.84
C HIS B 350 24.45 22.01 -18.30
N LEU B 351 23.21 22.04 -17.80
CA LEU B 351 22.16 21.15 -18.25
C LEU B 351 21.54 21.63 -19.56
N SER B 352 21.26 22.93 -19.61
CA SER B 352 20.55 23.55 -20.72
C SER B 352 21.32 23.43 -22.03
N GLU B 353 22.63 23.60 -21.96
CA GLU B 353 23.50 23.49 -23.13
C GLU B 353 23.53 22.08 -23.71
N LYS B 354 23.33 21.08 -22.86
CA LYS B 354 23.41 19.68 -23.28
C LYS B 354 22.14 19.18 -23.97
N GLY B 355 21.18 20.08 -24.17
CA GLY B 355 19.90 19.72 -24.79
C GLY B 355 18.82 19.42 -23.77
N VAL B 356 19.15 19.58 -22.49
CA VAL B 356 18.23 19.31 -21.40
C VAL B 356 17.70 20.62 -20.83
N LYS B 357 16.48 20.98 -21.21
CA LYS B 357 15.91 22.29 -20.88
C LYS B 357 14.97 22.26 -19.68
N ILE B 358 15.02 21.19 -18.88
CA ILE B 358 14.05 20.97 -17.81
C ILE B 358 14.03 22.01 -16.68
N TRP B 359 15.13 22.72 -16.48
CA TRP B 359 15.24 23.66 -15.37
C TRP B 359 15.17 25.15 -15.75
N ASP B 360 15.29 25.42 -17.05
CA ASP B 360 15.40 26.79 -17.57
C ASP B 360 14.34 27.77 -17.05
N LYS B 361 13.07 27.35 -17.10
CA LYS B 361 11.94 28.19 -16.70
C LYS B 361 11.94 28.55 -15.22
N ASN B 362 12.61 27.74 -14.41
CA ASN B 362 12.71 27.97 -12.97
C ASN B 362 14.03 28.61 -12.56
N VAL B 363 14.80 29.05 -13.56
CA VAL B 363 16.04 29.81 -13.33
C VAL B 363 16.15 31.05 -14.22
N THR B 364 15.03 31.44 -14.83
CA THR B 364 14.97 32.64 -15.68
C THR B 364 15.15 33.92 -14.86
N ARG B 365 15.56 34.99 -15.54
CA ARG B 365 15.67 36.31 -14.94
C ARG B 365 14.36 36.72 -14.27
N GLU B 366 13.25 36.47 -14.96
CA GLU B 366 11.91 36.77 -14.48
C GLU B 366 11.54 35.98 -13.22
N PHE B 367 11.85 34.68 -13.20
CA PHE B 367 11.49 33.82 -12.06
C PHE B 367 12.34 34.07 -10.81
N LEU B 368 13.63 34.33 -11.01
CA LEU B 368 14.55 34.58 -9.90
C LEU B 368 14.21 35.86 -9.13
N ASP B 369 13.58 36.82 -9.81
CA ASP B 369 13.16 38.07 -9.18
C ASP B 369 11.85 37.91 -8.42
N SER B 370 10.93 37.11 -8.96
CA SER B 370 9.69 36.78 -8.28
C SER B 370 9.96 35.89 -7.07
N ARG B 371 10.93 35.00 -7.21
CA ARG B 371 11.40 34.15 -6.11
C ARG B 371 12.32 34.95 -5.16
N ASN B 372 12.26 36.28 -5.29
CA ASN B 372 12.87 37.21 -4.33
C ASN B 372 14.40 37.06 -4.22
N LEU B 373 15.05 36.82 -5.36
CA LEU B 373 16.51 36.67 -5.43
C LEU B 373 17.05 37.41 -6.66
N PRO B 374 17.07 38.77 -6.62
CA PRO B 374 17.50 39.57 -7.77
C PRO B 374 19.00 39.49 -8.02
N HIS B 375 19.75 39.03 -7.02
CA HIS B 375 21.20 38.94 -7.11
C HIS B 375 21.71 37.57 -7.57
N ARG B 376 20.79 36.70 -8.00
CA ARG B 376 21.14 35.41 -8.59
C ARG B 376 21.36 35.54 -10.09
N GLU B 377 22.38 34.84 -10.58
CA GLU B 377 22.65 34.77 -12.01
C GLU B 377 21.64 33.82 -12.66
N VAL B 378 21.28 34.11 -13.92
CA VAL B 378 20.38 33.24 -14.68
C VAL B 378 21.03 31.87 -14.84
N GLY B 379 20.30 30.84 -14.42
CA GLY B 379 20.81 29.47 -14.46
C GLY B 379 21.05 28.88 -13.08
N ASP B 380 21.20 29.74 -12.08
CA ASP B 380 21.50 29.32 -10.72
C ASP B 380 20.26 28.75 -10.03
N ILE B 381 20.37 27.53 -9.49
CA ILE B 381 19.26 26.92 -8.75
C ILE B 381 19.39 27.15 -7.23
N GLY B 382 20.35 27.98 -6.85
CA GLY B 382 20.68 28.19 -5.44
C GLY B 382 21.40 26.99 -4.87
N PRO B 383 21.53 26.91 -3.54
CA PRO B 383 22.05 25.68 -2.93
C PRO B 383 21.03 24.54 -3.00
N GLY B 384 20.87 23.96 -4.19
CA GLY B 384 19.78 23.04 -4.49
C GLY B 384 20.06 21.56 -4.24
N TYR B 385 19.34 20.70 -4.95
CA TYR B 385 19.36 19.25 -4.76
C TYR B 385 20.76 18.70 -4.54
N GLY B 386 21.60 18.83 -5.56
CA GLY B 386 22.96 18.27 -5.56
C GLY B 386 23.89 18.89 -4.55
N PHE B 387 23.73 20.19 -4.31
CA PHE B 387 24.57 20.92 -3.36
C PHE B 387 24.40 20.41 -1.93
N GLN B 388 23.16 20.11 -1.55
CA GLN B 388 22.87 19.60 -0.21
C GLN B 388 23.37 18.17 -0.04
N TRP B 389 23.36 17.42 -1.14
CA TRP B 389 23.88 16.06 -1.17
C TRP B 389 25.38 16.02 -0.90
N ARG B 390 26.12 16.88 -1.58
CA ARG B 390 27.58 16.82 -1.56
C ARG B 390 28.22 17.79 -0.58
N HIS B 391 27.48 18.83 -0.20
CA HIS B 391 27.99 19.84 0.73
C HIS B 391 26.86 20.35 1.63
N PHE B 392 26.31 19.48 2.47
CA PHE B 392 25.20 19.85 3.33
C PHE B 392 25.60 20.86 4.40
N GLY B 393 25.00 22.04 4.33
CA GLY B 393 25.19 23.07 5.36
C GLY B 393 26.20 24.14 4.99
N ALA B 394 26.97 23.88 3.94
CA ALA B 394 28.00 24.81 3.48
C ALA B 394 27.41 26.15 3.07
N ALA B 395 28.22 27.20 3.20
CA ALA B 395 27.80 28.56 2.83
C ALA B 395 27.84 28.73 1.30
N TYR B 396 26.66 28.90 0.71
CA TYR B 396 26.56 29.07 -0.74
C TYR B 396 26.92 30.50 -1.15
N LYS B 397 27.56 30.63 -2.32
CA LYS B 397 27.86 31.93 -2.90
C LYS B 397 27.21 32.06 -4.26
N ASP B 398 27.79 31.40 -5.26
CA ASP B 398 27.19 31.32 -6.59
C ASP B 398 27.46 29.94 -7.21
N MET B 399 26.94 29.72 -8.41
CA MET B 399 27.17 28.46 -9.14
C MET B 399 28.63 28.25 -9.53
N HIS B 400 29.42 29.32 -9.48
CA HIS B 400 30.81 29.29 -9.93
C HIS B 400 31.79 28.94 -8.80
N THR B 401 31.43 29.30 -7.57
CA THR B 401 32.27 29.06 -6.41
C THR B 401 32.54 27.58 -6.22
N ASP B 402 33.77 27.26 -5.83
CA ASP B 402 34.19 25.88 -5.55
C ASP B 402 33.90 25.53 -4.09
N TYR B 403 33.03 24.53 -3.89
CA TYR B 403 32.59 24.15 -2.54
C TYR B 403 33.24 22.86 -2.03
N THR B 404 34.44 22.59 -2.53
CA THR B 404 35.15 21.35 -2.20
C THR B 404 35.45 21.22 -0.70
N GLY B 405 35.20 20.02 -0.17
CA GLY B 405 35.49 19.71 1.23
C GLY B 405 34.52 20.31 2.24
N GLN B 406 33.82 21.36 1.83
CA GLN B 406 32.89 22.07 2.71
C GLN B 406 31.58 21.29 2.88
N GLY B 407 30.98 21.44 4.06
CA GLY B 407 29.72 20.77 4.38
C GLY B 407 29.82 19.27 4.51
N VAL B 408 28.67 18.60 4.58
CA VAL B 408 28.63 17.16 4.74
C VAL B 408 28.29 16.45 3.42
N ASP B 409 29.24 15.67 2.92
CA ASP B 409 29.04 14.88 1.70
C ASP B 409 28.22 13.64 2.03
N GLN B 410 26.90 13.79 2.01
CA GLN B 410 25.97 12.72 2.36
C GLN B 410 26.14 11.49 1.47
N LEU B 411 26.34 11.72 0.17
CA LEU B 411 26.47 10.63 -0.80
C LEU B 411 27.68 9.74 -0.55
N LYS B 412 28.83 10.36 -0.23
CA LYS B 412 30.06 9.62 0.07
C LYS B 412 29.92 8.82 1.36
N ASN B 413 29.23 9.38 2.34
CA ASN B 413 29.01 8.72 3.60
C ASN B 413 27.99 7.58 3.52
N VAL B 414 27.00 7.74 2.65
CA VAL B 414 26.01 6.69 2.39
C VAL B 414 26.66 5.46 1.77
N ILE B 415 27.66 5.68 0.91
CA ILE B 415 28.40 4.60 0.27
C ILE B 415 29.36 3.93 1.26
N GLN B 416 30.22 4.73 1.91
CA GLN B 416 31.17 4.18 2.88
C GLN B 416 30.48 3.36 3.97
N MET B 417 29.27 3.77 4.33
CA MET B 417 28.45 3.01 5.26
C MET B 417 27.96 1.71 4.61
N LEU B 418 27.49 1.79 3.36
CA LEU B 418 27.02 0.61 2.63
C LEU B 418 28.14 -0.42 2.42
N ARG B 419 29.36 0.07 2.22
CA ARG B 419 30.49 -0.79 1.89
C ARG B 419 31.19 -1.43 3.09
N THR B 420 31.08 -0.80 4.27
CA THR B 420 31.72 -1.34 5.47
C THR B 420 30.72 -1.90 6.48
N ASN B 421 29.55 -1.27 6.60
CA ASN B 421 28.54 -1.70 7.56
C ASN B 421 27.11 -1.50 7.02
N PRO B 422 26.62 -2.45 6.23
CA PRO B 422 25.37 -2.29 5.47
C PRO B 422 24.09 -2.44 6.30
N THR B 423 24.21 -2.87 7.55
CA THR B 423 23.04 -3.10 8.40
C THR B 423 22.65 -1.84 9.16
N ASP B 424 23.57 -0.89 9.21
CA ASP B 424 23.35 0.43 9.81
C ASP B 424 22.06 1.07 9.26
N ARG B 425 21.27 1.64 10.15
CA ARG B 425 19.96 2.20 9.76
C ARG B 425 19.99 3.72 9.56
N ARG B 426 21.20 4.29 9.44
CA ARG B 426 21.38 5.72 9.26
C ARG B 426 22.00 6.02 7.89
N MET B 427 21.55 5.30 6.88
CA MET B 427 22.07 5.45 5.53
C MET B 427 21.11 6.29 4.68
N LEU B 428 21.13 7.58 4.95
CA LEU B 428 20.16 8.52 4.39
C LEU B 428 20.80 9.73 3.71
N MET B 429 20.15 10.21 2.66
CA MET B 429 20.59 11.37 1.94
C MET B 429 19.43 12.35 1.75
N THR B 430 19.51 13.48 2.44
CA THR B 430 18.46 14.50 2.35
C THR B 430 18.90 15.72 1.55
N ALA B 431 17.92 16.35 0.89
CA ALA B 431 18.13 17.58 0.14
C ALA B 431 17.42 18.76 0.80
N TRP B 432 16.65 18.46 1.85
CA TRP B 432 15.88 19.47 2.57
C TRP B 432 16.71 20.13 3.67
N ASN B 433 17.07 21.39 3.44
CA ASN B 433 17.80 22.18 4.41
C ASN B 433 17.03 23.46 4.75
N PRO B 434 16.16 23.39 5.79
CA PRO B 434 15.36 24.52 6.26
C PRO B 434 16.15 25.80 6.46
N ALA B 435 17.47 25.66 6.61
CA ALA B 435 18.37 26.80 6.77
C ALA B 435 18.56 27.59 5.47
N ALA B 436 18.52 26.90 4.34
CA ALA B 436 18.77 27.54 3.04
C ALA B 436 17.66 27.34 2.00
N LEU B 437 16.42 27.16 2.47
CA LEU B 437 15.26 26.98 1.58
C LEU B 437 14.97 28.20 0.73
N ASP B 438 15.13 29.38 1.32
CA ASP B 438 14.82 30.64 0.64
C ASP B 438 15.87 30.99 -0.43
N GLU B 439 17.10 30.52 -0.23
CA GLU B 439 18.19 30.79 -1.15
C GLU B 439 18.08 29.95 -2.42
N MET B 440 17.31 28.86 -2.33
CA MET B 440 17.04 28.01 -3.48
C MET B 440 15.99 28.68 -4.37
N ALA B 441 16.15 28.51 -5.68
CA ALA B 441 15.19 29.03 -6.65
C ALA B 441 13.86 28.28 -6.57
N LEU B 442 13.91 27.02 -6.13
CA LEU B 442 12.73 26.19 -5.96
C LEU B 442 13.08 25.06 -5.00
N PRO B 443 12.30 24.91 -3.91
CA PRO B 443 12.51 23.87 -2.89
C PRO B 443 12.46 22.45 -3.47
N PRO B 444 13.30 21.53 -2.97
CA PRO B 444 13.34 20.17 -3.51
C PRO B 444 12.01 19.43 -3.38
N CYS B 445 11.63 18.71 -4.44
CA CYS B 445 10.46 17.83 -4.39
C CYS B 445 10.90 16.50 -3.80
N HIS B 446 11.73 15.78 -4.55
CA HIS B 446 12.38 14.59 -4.03
C HIS B 446 13.45 15.02 -3.05
N LEU B 447 13.11 14.98 -1.77
CA LEU B 447 13.92 15.60 -0.73
C LEU B 447 14.69 14.60 0.13
N LEU B 448 14.28 13.34 0.12
CA LEU B 448 14.90 12.34 1.00
C LEU B 448 14.95 10.95 0.37
N CYS B 449 16.04 10.25 0.65
CA CYS B 449 16.20 8.86 0.22
C CYS B 449 17.03 8.03 1.20
N GLN B 450 16.58 6.80 1.43
CA GLN B 450 17.20 5.88 2.36
C GLN B 450 17.61 4.63 1.61
N PHE B 451 18.70 4.00 2.05
CA PHE B 451 19.19 2.76 1.45
C PHE B 451 19.17 1.59 2.41
N TYR B 452 19.14 0.37 1.87
CA TYR B 452 18.93 -0.85 2.65
C TYR B 452 19.57 -2.06 1.99
N VAL B 453 20.24 -2.88 2.79
CA VAL B 453 20.82 -4.13 2.31
C VAL B 453 20.20 -5.30 3.08
N ASN B 454 19.92 -6.39 2.38
CA ASN B 454 19.41 -7.61 3.00
C ASN B 454 20.51 -8.67 3.17
N ASP B 455 20.11 -9.91 3.35
CA ASP B 455 21.05 -11.04 3.43
C ASP B 455 21.85 -11.24 2.15
N GLN B 456 21.14 -11.28 1.03
CA GLN B 456 21.69 -11.67 -0.27
C GLN B 456 22.55 -10.59 -0.96
N LYS B 457 22.93 -9.56 -0.19
CA LYS B 457 23.71 -8.43 -0.71
C LYS B 457 22.97 -7.69 -1.84
N GLU B 458 21.65 -7.65 -1.72
CA GLU B 458 20.79 -6.94 -2.64
C GLU B 458 20.44 -5.58 -2.06
N LEU B 459 20.38 -4.55 -2.91
CA LEU B 459 20.17 -3.18 -2.46
C LEU B 459 18.81 -2.63 -2.87
N SER B 460 18.12 -2.05 -1.90
CA SER B 460 16.87 -1.34 -2.14
C SER B 460 17.02 0.14 -1.75
N CYS B 461 16.11 0.97 -2.28
CA CYS B 461 16.15 2.41 -2.05
C CYS B 461 14.75 3.02 -1.94
N ILE B 462 14.50 3.72 -0.83
CA ILE B 462 13.27 4.49 -0.65
C ILE B 462 13.54 5.95 -0.99
N MET B 463 12.60 6.59 -1.69
CA MET B 463 12.68 8.01 -1.94
C MET B 463 11.37 8.70 -1.56
N TYR B 464 11.46 9.74 -0.74
CA TYR B 464 10.31 10.53 -0.37
C TYR B 464 10.23 11.84 -1.14
N GLN B 465 9.07 12.08 -1.72
CA GLN B 465 8.80 13.28 -2.51
C GLN B 465 7.60 14.01 -1.90
N ARG B 466 7.79 15.30 -1.61
CA ARG B 466 6.75 16.11 -0.97
C ARG B 466 5.61 16.50 -1.92
N SER B 467 5.95 16.67 -3.18
CA SER B 467 5.03 17.21 -4.17
C SER B 467 5.26 16.52 -5.50
N CYS B 468 4.18 16.02 -6.10
CA CYS B 468 4.30 15.16 -7.26
C CYS B 468 3.39 15.54 -8.41
N ASP B 469 3.99 16.03 -9.49
CA ASP B 469 3.31 16.22 -10.77
C ASP B 469 3.28 14.86 -11.47
N VAL B 470 2.17 14.15 -11.30
CA VAL B 470 2.06 12.75 -11.73
C VAL B 470 2.27 12.57 -13.23
N GLY B 471 1.61 13.41 -14.03
CA GLY B 471 1.74 13.35 -15.47
C GLY B 471 3.20 13.50 -15.89
N LEU B 472 3.84 14.55 -15.41
CA LEU B 472 5.13 14.98 -15.91
C LEU B 472 6.33 14.49 -15.07
N GLY B 473 6.40 14.96 -13.84
CA GLY B 473 7.56 14.73 -12.98
C GLY B 473 7.78 13.30 -12.51
N VAL B 474 6.69 12.61 -12.20
CA VAL B 474 6.76 11.28 -11.58
C VAL B 474 7.52 10.22 -12.40
N PRO B 475 7.16 10.02 -13.69
CA PRO B 475 7.91 9.00 -14.42
C PRO B 475 9.38 9.39 -14.58
N PHE B 476 9.65 10.70 -14.61
CA PHE B 476 11.01 11.21 -14.63
C PHE B 476 11.71 10.85 -13.31
N ASN B 477 10.99 11.03 -12.21
CA ASN B 477 11.52 10.75 -10.87
C ASN B 477 11.76 9.28 -10.59
N ILE B 478 10.85 8.42 -11.05
CA ILE B 478 11.00 6.97 -10.91
C ILE B 478 12.31 6.55 -11.55
N ALA B 479 12.47 6.90 -12.83
CA ALA B 479 13.62 6.49 -13.62
C ALA B 479 14.93 7.09 -13.10
N SER B 480 14.89 8.32 -12.61
CA SER B 480 16.08 9.01 -12.12
C SER B 480 16.71 8.32 -10.91
N TYR B 481 15.90 8.04 -9.90
CA TYR B 481 16.40 7.42 -8.67
C TYR B 481 16.70 5.93 -8.82
N SER B 482 15.92 5.25 -9.65
CA SER B 482 16.17 3.85 -9.98
C SER B 482 17.53 3.71 -10.64
N LEU B 483 17.89 4.70 -11.44
CA LEU B 483 19.22 4.78 -12.03
C LEU B 483 20.28 4.96 -10.95
N LEU B 484 20.01 5.83 -9.98
CA LEU B 484 20.93 6.07 -8.85
C LEU B 484 21.18 4.78 -8.08
N THR B 485 20.12 4.00 -7.88
CA THR B 485 20.23 2.71 -7.20
C THR B 485 21.16 1.77 -7.96
N LEU B 486 21.05 1.75 -9.29
CA LEU B 486 21.93 0.93 -10.12
C LEU B 486 23.39 1.38 -9.99
N MET B 487 23.60 2.69 -10.01
CA MET B 487 24.93 3.28 -9.86
C MET B 487 25.56 2.97 -8.51
N VAL B 488 24.81 3.25 -7.45
CA VAL B 488 25.25 2.99 -6.08
C VAL B 488 25.55 1.51 -5.88
N ALA B 489 24.63 0.65 -6.33
CA ALA B 489 24.75 -0.80 -6.20
C ALA B 489 26.06 -1.34 -6.78
N HIS B 490 26.44 -0.81 -7.94
CA HIS B 490 27.66 -1.20 -8.63
C HIS B 490 28.92 -0.80 -7.87
N VAL B 491 28.95 0.45 -7.41
CA VAL B 491 30.09 1.01 -6.67
C VAL B 491 30.32 0.25 -5.36
N CYS B 492 29.24 -0.27 -4.78
CA CYS B 492 29.30 -0.97 -3.51
C CYS B 492 29.43 -2.49 -3.64
N ASN B 493 29.31 -2.99 -4.87
CA ASN B 493 29.32 -4.44 -5.15
C ASN B 493 28.08 -5.16 -4.61
N LEU B 494 26.91 -4.61 -4.94
CA LEU B 494 25.64 -5.16 -4.49
C LEU B 494 24.70 -5.31 -5.68
N LYS B 495 23.81 -6.29 -5.62
CA LYS B 495 22.74 -6.41 -6.61
C LYS B 495 21.69 -5.33 -6.36
N PRO B 496 21.22 -4.66 -7.43
CA PRO B 496 20.03 -3.82 -7.28
C PRO B 496 18.79 -4.70 -7.12
N LYS B 497 17.90 -4.33 -6.19
CA LYS B 497 16.74 -5.16 -5.89
C LYS B 497 15.41 -4.46 -6.16
N GLU B 498 15.19 -3.32 -5.51
CA GLU B 498 13.89 -2.67 -5.51
C GLU B 498 13.99 -1.18 -5.23
N PHE B 499 13.14 -0.40 -5.90
CA PHE B 499 13.03 1.02 -5.61
C PHE B 499 11.61 1.35 -5.17
N ILE B 500 11.50 2.04 -4.03
CA ILE B 500 10.22 2.37 -3.42
C ILE B 500 10.00 3.88 -3.41
N HIS B 501 8.83 4.29 -3.91
CA HIS B 501 8.50 5.70 -4.10
C HIS B 501 7.45 6.15 -3.09
N PHE B 502 7.88 7.00 -2.16
CA PHE B 502 6.96 7.61 -1.20
C PHE B 502 6.62 9.03 -1.60
N MET B 503 5.32 9.32 -1.65
CA MET B 503 4.83 10.59 -2.18
C MET B 503 3.94 11.33 -1.18
N GLY B 504 4.09 12.65 -1.14
CA GLY B 504 3.26 13.50 -0.29
C GLY B 504 2.06 14.02 -1.04
N ASN B 505 2.12 15.29 -1.44
CA ASN B 505 1.11 15.88 -2.30
C ASN B 505 1.25 15.28 -3.70
N THR B 506 0.33 14.39 -4.04
CA THR B 506 0.36 13.67 -5.31
C THR B 506 -0.76 14.20 -6.19
N HIS B 507 -0.41 14.91 -7.25
CA HIS B 507 -1.38 15.66 -8.03
C HIS B 507 -1.18 15.60 -9.55
N VAL B 508 -2.31 15.64 -10.26
CA VAL B 508 -2.33 15.85 -11.71
C VAL B 508 -2.93 17.23 -11.98
N TYR B 509 -2.26 18.00 -12.85
CA TYR B 509 -2.74 19.32 -13.26
C TYR B 509 -3.96 19.20 -14.17
N THR B 510 -4.89 20.14 -14.01
CA THR B 510 -6.16 20.12 -14.75
C THR B 510 -5.98 20.23 -16.27
N ASN B 511 -4.98 21.01 -16.71
CA ASN B 511 -4.66 21.15 -18.13
C ASN B 511 -4.06 19.87 -18.74
N HIS B 512 -3.55 18.97 -17.90
CA HIS B 512 -2.99 17.69 -18.34
C HIS B 512 -4.03 16.57 -18.43
N VAL B 513 -5.21 16.80 -17.85
CA VAL B 513 -6.24 15.76 -17.67
C VAL B 513 -6.71 15.10 -18.97
N GLU B 514 -6.86 15.90 -20.03
N GLU B 514 -6.86 15.89 -20.03
CA GLU B 514 -7.26 15.40 -21.34
CA GLU B 514 -7.27 15.37 -21.34
C GLU B 514 -6.22 14.45 -21.94
C GLU B 514 -6.22 14.42 -21.91
N ALA B 515 -4.95 14.80 -21.76
CA ALA B 515 -3.82 14.00 -22.25
C ALA B 515 -3.59 12.71 -21.45
N LEU B 516 -3.98 12.73 -20.19
CA LEU B 516 -3.75 11.57 -19.33
C LEU B 516 -4.75 10.43 -19.56
N LYS B 517 -5.99 10.78 -19.91
CA LYS B 517 -6.99 9.78 -20.31
C LYS B 517 -6.53 9.08 -21.60
N GLU B 518 -5.84 9.84 -22.45
CA GLU B 518 -5.18 9.31 -23.65
C GLU B 518 -4.08 8.33 -23.30
N GLN B 519 -3.34 8.62 -22.23
CA GLN B 519 -2.25 7.79 -21.76
C GLN B 519 -2.77 6.50 -21.13
N LEU B 520 -3.93 6.58 -20.48
CA LEU B 520 -4.50 5.43 -19.77
C LEU B 520 -5.21 4.44 -20.70
N ARG B 521 -5.42 4.82 -21.97
CA ARG B 521 -5.94 3.90 -22.97
C ARG B 521 -4.84 2.97 -23.48
N ARG B 522 -3.59 3.30 -23.16
CA ARG B 522 -2.42 2.58 -23.64
C ARG B 522 -1.99 1.51 -22.65
N GLU B 523 -1.93 0.27 -23.10
CA GLU B 523 -1.40 -0.82 -22.28
C GLU B 523 0.12 -0.87 -22.36
N PRO B 524 0.80 -0.97 -21.20
CA PRO B 524 2.26 -0.91 -21.10
C PRO B 524 3.00 -1.91 -21.98
N ARG B 525 4.25 -1.59 -22.31
CA ARG B 525 5.14 -2.50 -23.01
C ARG B 525 6.18 -3.01 -21.99
N PRO B 526 6.86 -4.15 -22.29
CA PRO B 526 7.86 -4.64 -21.33
C PRO B 526 8.91 -3.57 -21.01
N PHE B 527 9.36 -3.54 -19.76
CA PHE B 527 10.39 -2.59 -19.34
C PHE B 527 11.71 -2.85 -20.08
N PRO B 528 12.57 -1.82 -20.19
CA PRO B 528 13.89 -2.04 -20.77
C PRO B 528 14.91 -2.46 -19.72
N ILE B 529 16.09 -2.86 -20.19
CA ILE B 529 17.23 -3.12 -19.34
C ILE B 529 18.18 -1.94 -19.45
N VAL B 530 18.63 -1.43 -18.32
CA VAL B 530 19.71 -0.45 -18.34
C VAL B 530 20.98 -1.17 -17.93
N ASN B 531 21.98 -1.12 -18.79
CA ASN B 531 23.29 -1.69 -18.49
C ASN B 531 24.30 -0.61 -18.21
N ILE B 532 25.03 -0.78 -17.12
CA ILE B 532 26.22 0.02 -16.87
C ILE B 532 27.33 -0.59 -17.73
N LEU B 533 27.98 0.25 -18.51
CA LEU B 533 29.08 -0.19 -19.35
C LEU B 533 30.39 0.24 -18.67
N ASN B 534 31.51 -0.38 -19.07
CA ASN B 534 32.82 -0.13 -18.48
C ASN B 534 32.80 -0.37 -16.98
N LYS B 535 32.10 -1.44 -16.59
CA LYS B 535 31.89 -1.79 -15.19
C LYS B 535 33.18 -1.78 -14.38
N GLU B 536 34.27 -2.14 -15.03
CA GLU B 536 35.59 -2.24 -14.39
C GLU B 536 36.21 -0.86 -14.18
N ARG B 537 35.94 0.05 -15.11
CA ARG B 537 36.56 1.38 -15.08
C ARG B 537 35.95 2.25 -13.97
N ILE B 538 34.67 2.05 -13.71
CA ILE B 538 33.95 2.79 -12.68
C ILE B 538 34.12 2.08 -11.35
N LYS B 539 34.66 2.81 -10.37
CA LYS B 539 34.95 2.23 -9.06
C LYS B 539 34.31 3.01 -7.92
N GLU B 540 34.20 4.32 -8.12
CA GLU B 540 33.55 5.23 -7.15
C GLU B 540 32.43 5.99 -7.85
N ILE B 541 31.47 6.52 -7.08
CA ILE B 541 30.24 7.12 -7.64
C ILE B 541 30.47 8.28 -8.61
N ASP B 542 31.60 8.98 -8.47
CA ASP B 542 31.93 10.12 -9.32
C ASP B 542 32.58 9.72 -10.65
N ASP B 543 32.80 8.42 -10.85
CA ASP B 543 33.47 7.90 -12.06
C ASP B 543 32.52 7.63 -13.22
N PHE B 544 31.22 7.75 -12.99
CA PHE B 544 30.23 7.59 -14.05
C PHE B 544 30.24 8.77 -15.00
N THR B 545 30.05 8.48 -16.28
CA THR B 545 29.83 9.53 -17.28
C THR B 545 28.58 9.19 -18.06
N ALA B 546 28.14 10.12 -18.90
CA ALA B 546 26.92 9.97 -19.70
C ALA B 546 26.97 8.75 -20.62
N GLU B 547 28.17 8.43 -21.10
CA GLU B 547 28.37 7.32 -22.04
C GLU B 547 28.49 5.94 -21.40
N ASP B 548 28.43 5.88 -20.07
CA ASP B 548 28.63 4.63 -19.33
C ASP B 548 27.36 3.80 -19.19
N PHE B 549 26.29 4.23 -19.85
CA PHE B 549 24.99 3.59 -19.74
C PHE B 549 24.44 3.15 -21.08
N GLU B 550 23.55 2.16 -21.04
CA GLU B 550 22.94 1.65 -22.25
C GLU B 550 21.52 1.20 -21.93
N VAL B 551 20.55 1.81 -22.59
CA VAL B 551 19.16 1.42 -22.47
C VAL B 551 18.88 0.39 -23.54
N VAL B 552 18.41 -0.78 -23.10
CA VAL B 552 18.28 -1.91 -23.99
C VAL B 552 16.82 -2.31 -24.16
N GLY B 553 16.36 -2.33 -25.41
CA GLY B 553 15.02 -2.78 -25.77
C GLY B 553 13.87 -1.93 -25.22
N TYR B 554 14.04 -0.61 -25.24
CA TYR B 554 13.00 0.30 -24.77
C TYR B 554 12.06 0.66 -25.92
N VAL B 555 10.86 0.08 -25.91
CA VAL B 555 9.89 0.28 -26.98
C VAL B 555 8.61 0.96 -26.46
N PRO B 556 8.67 2.28 -26.23
CA PRO B 556 7.53 2.95 -25.61
C PRO B 556 6.45 3.27 -26.63
N HIS B 557 5.31 3.79 -26.13
CA HIS B 557 4.32 4.40 -26.99
C HIS B 557 4.77 5.82 -27.34
N GLY B 558 4.18 6.38 -28.40
CA GLY B 558 4.57 7.69 -28.94
C GLY B 558 4.57 8.82 -27.92
N ARG B 559 5.29 9.88 -28.23
CA ARG B 559 5.44 11.03 -27.32
C ARG B 559 4.11 11.70 -27.01
N ILE B 560 3.94 12.05 -25.73
CA ILE B 560 2.81 12.88 -25.30
C ILE B 560 3.36 14.22 -24.82
N GLN B 561 2.81 15.30 -25.39
CA GLN B 561 3.22 16.65 -25.02
C GLN B 561 2.46 17.15 -23.80
N MET B 562 3.22 17.56 -22.78
CA MET B 562 2.66 18.14 -21.56
C MET B 562 3.47 19.35 -21.11
N GLU B 563 2.77 20.48 -20.96
CA GLU B 563 3.39 21.74 -20.56
C GLU B 563 3.88 21.72 -19.11
N MET B 564 5.08 22.24 -18.89
CA MET B 564 5.63 22.38 -17.55
C MET B 564 4.98 23.57 -16.86
N ALA B 565 4.47 23.35 -15.65
CA ALA B 565 3.88 24.43 -14.86
C ALA B 565 4.99 25.32 -14.27
N VAL B 566 5.06 26.55 -14.79
CA VAL B 566 6.15 27.49 -14.48
C VAL B 566 6.29 27.82 -13.00
#